data_7VG7
#
_entry.id   7VG7
#
_cell.length_a   69.190
_cell.length_b   62.490
_cell.length_c   82.600
_cell.angle_alpha   90.000
_cell.angle_beta   111.922
_cell.angle_gamma   90.000
#
_symmetry.space_group_name_H-M   'P 1 21 1'
#
loop_
_entity.id
_entity.type
_entity.pdbx_description
1 polymer Plexin-B1
2 polymer 'Uteroglobin,PB1m6A9 peptide,Uteroglobin'
3 non-polymer 'TRIETHYLENE GLYCOL'
4 non-polymer 2-acetamido-2-deoxy-beta-D-glucopyranose
5 water water
#
loop_
_entity_poly.entity_id
_entity_poly.type
_entity_poly.pdbx_seq_one_letter_code
_entity_poly.pdbx_strand_id
1 'polypeptide(L)'
;SLQPLPPTAFTPNGTYLQHLARDPTSGTLYLGATNFLFQLSPGLQLEATVSTGPVLDSRDCLPPVMPDECPQAQPTNNPN
QLLLVSPGALVVCGSVHQGVCEQRRLGQLEQLLLRPERPGDTQYVAANDPAVSTVGLVAQGLAGEPLLFVGRGYTSRGVG
GGIPPITTRALWPPDPQAAFSYEETAKLAVGRLSEYSHHFVSAFARGASAYFLFLRRDLQAQSRAFRAYVSRVCLRDQHY
YSYVELPLACEGGRYGLIQAAAVATSREVAHGEVLFAAFSSAAPPTVGRPPSAAAGASGASALCAFPLDEVDRLANRTRD
ACYTREGRAEDGTEVAYIEYDVNSDCAQLPVDTLDAYPCGSDHTPSPMASRVPLEATPILEWPGIQLTAVAVTMEDGHTI
AFLGDSQGQLHRVYLGPGSDGHPYSTQSIQQGSAVSRDLTFDGTFEHLYVMTQSTLLKVPVASCAQHLDCASCLAHRDPY
CGWCVLLGRCSRRSECSRGQGPEQWLWSFQPELGCLQTRENLYFQ
;
A
2 'polypeptide(L)'
;SEICPSFQRVIETLLMDTPSSYEAAMELFSPDQDMREAGAQLKKLVDTLPQKPRESIIKLMEKIAQSSLSGWRPYIERWT
GRLIVGSPSFQRVIETLLMDTPSSYEAAMELFSPDQDMREAGAQLKKLVDTLPQKPRESIIKLMEKIAQSSLCNHHHHHH
;
B
#
loop_
_chem_comp.id
_chem_comp.type
_chem_comp.name
_chem_comp.formula
NAG D-saccharide, beta linking 2-acetamido-2-deoxy-beta-D-glucopyranose 'C8 H15 N O6'
PGE non-polymer 'TRIETHYLENE GLYCOL' 'C6 H14 O4'
#
# COMPACT_ATOMS: atom_id res chain seq x y z
N LEU A 2 17.40 -21.50 -0.23
CA LEU A 2 18.31 -21.87 0.87
C LEU A 2 19.24 -20.69 1.25
N GLN A 3 19.14 -20.25 2.50
CA GLN A 3 19.69 -19.01 3.04
C GLN A 3 20.53 -19.30 4.27
N PRO A 4 21.72 -18.68 4.43
CA PRO A 4 22.49 -18.88 5.68
C PRO A 4 21.90 -18.20 6.92
N LEU A 5 22.52 -18.45 8.07
CA LEU A 5 22.10 -17.78 9.27
C LEU A 5 22.44 -16.29 9.13
N PRO A 6 21.56 -15.41 9.57
CA PRO A 6 21.87 -13.98 9.53
C PRO A 6 23.19 -13.74 10.21
N PRO A 7 23.97 -12.78 9.73
CA PRO A 7 25.31 -12.58 10.32
C PRO A 7 25.30 -11.68 11.55
N THR A 8 24.25 -10.89 11.75
CA THR A 8 24.26 -9.86 12.77
C THR A 8 22.90 -9.85 13.44
N ALA A 9 22.91 -9.81 14.76
CA ALA A 9 21.68 -9.80 15.55
C ALA A 9 21.82 -8.80 16.69
N PHE A 10 20.68 -8.28 17.13
CA PHE A 10 20.55 -7.56 18.38
C PHE A 10 19.31 -8.09 19.08
N THR A 11 19.48 -8.43 20.33
CA THR A 11 18.53 -9.10 21.19
C THR A 11 18.64 -8.44 22.54
N PRO A 12 17.64 -7.70 22.99
CA PRO A 12 17.73 -7.06 24.31
C PRO A 12 17.41 -8.05 25.43
N ASN A 13 18.23 -8.03 26.47
CA ASN A 13 17.97 -8.89 27.62
C ASN A 13 16.75 -8.39 28.41
N GLY A 14 15.79 -9.28 28.64
CA GLY A 14 14.66 -8.95 29.51
C GLY A 14 13.66 -7.93 29.02
N THR A 15 13.26 -7.98 27.74
CA THR A 15 12.25 -7.06 27.21
C THR A 15 11.84 -7.50 25.82
N TYR A 16 10.70 -6.97 25.37
CA TYR A 16 10.15 -7.25 24.05
C TYR A 16 10.20 -6.02 23.15
N LEU A 17 10.25 -6.27 21.84
CA LEU A 17 10.39 -5.20 20.86
C LEU A 17 9.03 -4.82 20.28
N GLN A 18 8.81 -3.54 20.09
CA GLN A 18 7.55 -3.09 19.47
C GLN A 18 7.73 -2.33 18.16
N HIS A 19 8.80 -1.57 17.97
CA HIS A 19 8.87 -0.74 16.77
C HIS A 19 10.33 -0.48 16.38
N LEU A 20 10.54 -0.21 15.09
CA LEU A 20 11.85 0.10 14.52
C LEU A 20 11.74 1.37 13.69
N ALA A 21 12.73 2.25 13.81
CA ALA A 21 12.78 3.46 13.02
C ALA A 21 14.20 3.66 12.56
N ARG A 22 14.36 3.92 11.27
CA ARG A 22 15.64 4.18 10.68
C ARG A 22 15.75 5.66 10.31
N ASP A 23 16.89 6.24 10.63
CA ASP A 23 17.21 7.60 10.21
C ASP A 23 17.96 7.51 8.88
N PRO A 24 17.39 7.95 7.76
CA PRO A 24 18.09 7.76 6.46
C PRO A 24 19.30 8.67 6.28
N THR A 25 19.35 9.82 6.96
CA THR A 25 20.54 10.67 6.91
C THR A 25 21.76 9.90 7.39
N SER A 26 21.64 9.24 8.54
CA SER A 26 22.75 8.55 9.18
C SER A 26 22.69 7.05 9.08
N GLY A 27 21.53 6.46 8.85
CA GLY A 27 21.37 5.03 8.93
C GLY A 27 21.17 4.51 10.33
N THR A 28 21.23 5.39 11.33
CA THR A 28 21.05 4.95 12.70
C THR A 28 19.67 4.34 12.92
N LEU A 29 19.63 3.18 13.57
CA LEU A 29 18.36 2.56 13.90
C LEU A 29 17.98 2.90 15.33
N TYR A 30 16.68 3.12 15.51
CA TYR A 30 16.08 3.39 16.81
C TYR A 30 15.00 2.34 17.08
N LEU A 31 15.07 1.74 18.26
CA LEU A 31 14.26 0.60 18.64
C LEU A 31 13.43 0.96 19.87
N GLY A 32 12.12 0.85 19.75
CA GLY A 32 11.21 0.98 20.86
C GLY A 32 10.81 -0.37 21.41
N ALA A 33 11.13 -0.59 22.70
CA ALA A 33 10.91 -1.84 23.41
C ALA A 33 10.21 -1.54 24.73
N THR A 34 9.83 -2.61 25.44
CA THR A 34 9.20 -2.45 26.76
C THR A 34 10.17 -1.81 27.75
N ASN A 35 9.77 -0.65 28.29
CA ASN A 35 10.59 0.14 29.22
C ASN A 35 11.90 0.62 28.62
N PHE A 36 12.11 0.42 27.32
CA PHE A 36 13.40 0.73 26.74
C PHE A 36 13.25 1.53 25.45
N LEU A 37 14.30 2.31 25.14
CA LEU A 37 14.59 2.81 23.81
C LEU A 37 16.06 2.54 23.52
N PHE A 38 16.34 1.98 22.35
CA PHE A 38 17.69 1.63 21.95
C PHE A 38 18.11 2.41 20.71
N GLN A 39 19.39 2.82 20.68
CA GLN A 39 19.97 3.43 19.51
C GLN A 39 21.06 2.50 18.98
N LEU A 40 20.96 2.14 17.70
CA LEU A 40 21.83 1.11 17.16
C LEU A 40 22.53 1.63 15.91
N SER A 41 23.80 1.25 15.79
CA SER A 41 24.53 1.42 14.55
C SER A 41 23.93 0.53 13.46
N PRO A 42 24.25 0.81 12.19
CA PRO A 42 23.82 -0.09 11.11
C PRO A 42 24.29 -1.53 11.24
N GLY A 43 25.28 -1.81 12.09
CA GLY A 43 25.69 -3.18 12.39
C GLY A 43 25.09 -3.71 13.68
N LEU A 44 24.02 -3.05 14.12
CA LEU A 44 23.23 -3.52 15.26
C LEU A 44 24.01 -3.50 16.57
N GLN A 45 25.01 -2.64 16.68
CA GLN A 45 25.71 -2.42 17.93
C GLN A 45 25.12 -1.20 18.62
N LEU A 46 24.95 -1.29 19.94
CA LEU A 46 24.32 -0.25 20.74
C LEU A 46 25.13 1.05 20.76
N GLU A 47 24.43 2.17 20.52
CA GLU A 47 25.02 3.47 20.79
C GLU A 47 24.44 4.14 22.03
N ALA A 48 23.21 3.80 22.41
CA ALA A 48 22.53 4.50 23.48
C ALA A 48 21.35 3.64 23.93
N THR A 49 21.12 3.63 25.24
CA THR A 49 20.00 2.94 25.83
C THR A 49 19.28 3.92 26.75
N VAL A 50 17.97 3.94 26.68
CA VAL A 50 17.17 4.85 27.48
C VAL A 50 16.07 4.06 28.16
N SER A 51 15.93 4.29 29.44
CA SER A 51 14.87 3.68 30.22
C SER A 51 13.64 4.55 30.09
N THR A 52 12.52 3.95 29.72
CA THR A 52 11.25 4.63 29.65
C THR A 52 10.27 4.08 30.65
N GLY A 53 10.69 3.14 31.49
CA GLY A 53 9.80 2.51 32.44
C GLY A 53 10.51 1.55 33.38
N PRO A 54 9.72 0.90 34.26
CA PRO A 54 8.28 1.12 34.38
C PRO A 54 7.97 2.41 35.16
N VAL A 55 6.70 2.82 35.19
CA VAL A 55 6.33 4.07 35.83
C VAL A 55 5.12 3.80 36.70
N LEU A 56 5.02 4.59 37.76
CA LEU A 56 3.84 4.63 38.58
C LEU A 56 2.67 5.07 37.70
N ASP A 57 1.64 4.23 37.61
CA ASP A 57 0.60 4.57 36.65
C ASP A 57 -0.67 3.83 37.00
N SER A 58 -1.77 4.32 36.45
CA SER A 58 -3.05 3.62 36.41
C SER A 58 -3.85 4.25 35.29
N ARG A 59 -4.55 3.44 34.50
CA ARG A 59 -5.32 4.01 33.40
C ARG A 59 -6.42 4.95 33.87
N ASP A 60 -6.80 4.89 35.15
CA ASP A 60 -7.84 5.75 35.71
C ASP A 60 -7.29 7.08 36.18
N CYS A 61 -6.01 7.28 36.09
CA CYS A 61 -5.40 8.50 36.57
C CYS A 61 -4.81 9.26 35.40
N LEU A 62 -4.68 10.57 35.59
CA LEU A 62 -4.09 11.38 34.55
C LEU A 62 -2.72 11.87 34.99
N PRO A 63 -1.77 11.98 34.09
CA PRO A 63 -0.41 12.36 34.47
C PRO A 63 -0.31 13.85 34.76
N PRO A 64 0.51 14.26 35.75
CA PRO A 64 1.44 13.49 36.58
C PRO A 64 0.74 12.55 37.56
N VAL A 65 1.20 11.31 37.67
CA VAL A 65 0.57 10.34 38.55
C VAL A 65 1.28 10.41 39.90
N MET A 66 0.53 10.78 40.94
CA MET A 66 1.12 11.04 42.23
C MET A 66 0.58 10.04 43.24
N PRO A 67 1.46 9.41 44.05
CA PRO A 67 0.99 8.39 45.00
C PRO A 67 -0.13 8.87 45.92
N ASP A 68 0.08 10.01 46.61
CA ASP A 68 -0.93 10.54 47.52
C ASP A 68 -2.21 10.96 46.80
N GLU A 69 -2.13 11.18 45.48
CA GLU A 69 -3.28 11.59 44.68
C GLU A 69 -3.85 10.47 43.82
N CYS A 70 -3.07 9.43 43.50
CA CYS A 70 -3.57 8.27 42.77
C CYS A 70 -3.12 7.03 43.53
N PRO A 71 -3.92 6.58 44.49
CA PRO A 71 -3.43 5.53 45.40
C PRO A 71 -3.35 4.16 44.74
N GLN A 72 -4.27 3.85 43.83
CA GLN A 72 -4.29 2.58 43.10
C GLN A 72 -3.22 2.48 42.00
N ALA A 73 -2.37 3.49 41.82
CA ALA A 73 -1.28 3.36 40.87
C ALA A 73 -0.21 2.42 41.40
N GLN A 74 0.28 1.55 40.53
CA GLN A 74 1.40 0.67 40.81
C GLN A 74 2.42 0.79 39.68
N PRO A 75 3.61 0.19 39.81
CA PRO A 75 4.56 0.24 38.70
C PRO A 75 3.93 -0.35 37.45
N THR A 76 4.14 0.31 36.31
CA THR A 76 3.49 -0.09 35.07
C THR A 76 4.50 -0.15 33.94
N ASN A 77 4.55 -1.30 33.26
CA ASN A 77 5.50 -1.46 32.17
C ASN A 77 5.05 -0.67 30.97
N ASN A 78 6.03 -0.12 30.24
CA ASN A 78 5.76 0.85 29.20
C ASN A 78 6.23 0.31 27.85
N PRO A 79 5.43 -0.53 27.21
CA PRO A 79 5.73 -0.91 25.82
C PRO A 79 5.56 0.28 24.89
N ASN A 80 6.40 0.33 23.85
CA ASN A 80 6.49 1.50 23.01
C ASN A 80 5.34 1.54 21.99
N GLN A 81 4.72 2.70 21.87
CA GLN A 81 3.57 2.81 21.00
C GLN A 81 3.85 3.56 19.70
N LEU A 82 4.85 4.44 19.64
CA LEU A 82 5.12 5.20 18.42
C LEU A 82 6.58 5.63 18.42
N LEU A 83 7.26 5.44 17.29
CA LEU A 83 8.68 5.76 17.20
C LEU A 83 8.97 6.28 15.80
N LEU A 84 9.18 7.58 15.65
CA LEU A 84 9.27 8.17 14.32
C LEU A 84 10.41 9.17 14.26
N VAL A 85 11.17 9.15 13.16
CA VAL A 85 12.20 10.15 12.91
C VAL A 85 11.56 11.36 12.25
N SER A 86 11.97 12.55 12.68
CA SER A 86 11.47 13.82 12.17
C SER A 86 12.68 14.66 11.83
N PRO A 87 12.51 15.81 11.13
CA PRO A 87 13.66 16.62 10.72
C PRO A 87 14.68 16.92 11.80
N GLY A 88 14.26 17.15 13.03
CA GLY A 88 15.30 17.37 14.03
C GLY A 88 15.22 16.52 15.28
N ALA A 89 14.40 15.48 15.30
CA ALA A 89 14.12 14.82 16.56
C ALA A 89 13.60 13.40 16.35
N LEU A 90 13.77 12.56 17.35
CA LEU A 90 13.01 11.34 17.44
C LEU A 90 11.71 11.62 18.21
N VAL A 91 10.58 11.21 17.64
CA VAL A 91 9.28 11.29 18.30
C VAL A 91 8.99 9.95 18.99
N VAL A 92 8.67 10.00 20.29
CA VAL A 92 8.51 8.82 21.13
C VAL A 92 7.20 8.92 21.94
N CYS A 93 6.31 7.94 21.76
CA CYS A 93 5.08 7.81 22.55
C CYS A 93 5.05 6.42 23.15
N GLY A 94 4.88 6.34 24.48
CA GLY A 94 4.63 5.08 25.15
C GLY A 94 3.14 4.80 25.30
N SER A 95 2.83 3.72 26.03
CA SER A 95 1.44 3.44 26.40
C SER A 95 1.11 3.88 27.81
N VAL A 96 2.11 4.25 28.59
CA VAL A 96 1.88 4.69 29.95
C VAL A 96 1.44 6.16 29.90
N HIS A 97 0.93 6.67 31.02
CA HIS A 97 0.56 8.08 31.20
C HIS A 97 -0.29 8.59 30.04
N GLN A 98 -1.30 7.80 29.69
CA GLN A 98 -2.28 8.15 28.67
C GLN A 98 -1.63 8.44 27.30
N GLY A 99 -0.49 7.80 27.01
CA GLY A 99 0.06 7.90 25.67
C GLY A 99 0.78 9.19 25.33
N VAL A 100 1.17 9.97 26.33
CA VAL A 100 1.88 11.20 26.06
C VAL A 100 3.18 10.89 25.34
N CYS A 101 3.68 11.86 24.59
CA CYS A 101 4.85 11.68 23.75
C CYS A 101 6.01 12.54 24.25
N GLU A 102 7.15 12.39 23.59
CA GLU A 102 8.32 13.19 23.86
C GLU A 102 9.22 13.20 22.63
N GLN A 103 10.22 14.06 22.63
CA GLN A 103 11.13 14.23 21.51
C GLN A 103 12.56 14.21 22.02
N ARG A 104 13.40 13.45 21.34
CA ARG A 104 14.76 13.16 21.77
C ARG A 104 15.68 13.50 20.63
N ARG A 105 16.95 13.69 20.97
CA ARG A 105 17.92 14.16 19.99
C ARG A 105 18.39 13.00 19.14
N LEU A 106 18.22 13.14 17.82
CA LEU A 106 18.79 12.17 16.89
C LEU A 106 20.28 12.05 17.13
N GLY A 107 20.77 10.81 17.21
CA GLY A 107 22.18 10.56 17.43
C GLY A 107 22.63 10.70 18.87
N GLN A 108 21.80 11.27 19.76
CA GLN A 108 22.10 11.39 21.20
C GLN A 108 20.81 11.13 21.98
N LEU A 109 20.32 9.90 21.86
CA LEU A 109 19.00 9.49 22.35
C LEU A 109 18.78 9.84 23.80
N GLU A 110 19.84 9.84 24.62
CA GLU A 110 19.74 10.16 26.04
C GLU A 110 19.39 11.63 26.30
N GLN A 111 19.34 12.47 25.28
CA GLN A 111 19.10 13.90 25.43
C GLN A 111 17.62 14.19 25.12
N LEU A 112 16.88 14.57 26.15
CA LEU A 112 15.49 14.98 25.97
C LEU A 112 15.45 16.40 25.43
N LEU A 113 14.68 16.62 24.37
CA LEU A 113 14.53 17.93 23.73
C LEU A 113 13.21 18.62 24.08
N LEU A 114 12.10 17.87 24.08
CA LEU A 114 10.78 18.46 24.26
C LEU A 114 9.91 17.46 25.01
N ARG A 115 9.37 17.87 26.14
CA ARG A 115 8.39 17.06 26.85
C ARG A 115 7.53 17.97 27.72
N PRO A 116 6.27 18.14 27.36
CA PRO A 116 5.34 18.87 28.22
C PRO A 116 5.33 18.31 29.63
N GLU A 117 5.46 19.20 30.61
CA GLU A 117 5.47 18.78 32.00
C GLU A 117 4.07 18.52 32.53
N ARG A 118 3.08 19.28 32.08
CA ARG A 118 1.71 19.17 32.59
C ARG A 118 0.78 19.01 31.40
N PRO A 119 0.84 17.85 30.73
CA PRO A 119 0.00 17.67 29.54
C PRO A 119 -1.47 17.70 29.92
N GLY A 120 -2.27 18.25 29.00
CA GLY A 120 -3.71 18.21 29.11
C GLY A 120 -4.29 17.15 28.20
N ASP A 121 -5.62 17.16 28.11
CA ASP A 121 -6.36 16.08 27.43
C ASP A 121 -6.38 16.23 25.92
N THR A 122 -5.82 17.29 25.35
CA THR A 122 -5.57 17.27 23.92
C THR A 122 -4.17 16.82 23.60
N GLN A 123 -3.47 16.25 24.58
CA GLN A 123 -2.09 15.80 24.41
C GLN A 123 -1.94 14.34 24.80
N TYR A 124 -3.04 13.60 24.87
CA TYR A 124 -3.00 12.16 25.12
C TYR A 124 -3.00 11.49 23.75
N VAL A 125 -1.82 11.07 23.28
CA VAL A 125 -1.65 10.78 21.85
C VAL A 125 -1.85 9.32 21.50
N ALA A 126 -1.07 8.44 22.12
CA ALA A 126 -1.09 7.04 21.70
C ALA A 126 -2.09 6.24 22.52
N ALA A 127 -2.46 5.07 21.99
CA ALA A 127 -3.32 4.18 22.76
C ALA A 127 -2.61 3.77 24.05
N ASN A 128 -3.30 3.94 25.18
CA ASN A 128 -2.66 3.57 26.45
C ASN A 128 -2.92 2.13 26.81
N ASP A 129 -3.10 1.30 25.80
CA ASP A 129 -3.30 -0.13 25.95
C ASP A 129 -2.33 -0.75 24.95
N PRO A 130 -1.39 -1.58 25.41
CA PRO A 130 -0.42 -2.18 24.49
C PRO A 130 -1.05 -3.08 23.45
N ALA A 131 -2.22 -3.66 23.76
CA ALA A 131 -2.95 -4.44 22.77
C ALA A 131 -3.33 -3.60 21.55
N VAL A 132 -3.55 -2.30 21.73
CA VAL A 132 -4.11 -1.47 20.67
C VAL A 132 -2.96 -0.80 19.92
N SER A 133 -3.16 -0.56 18.64
CA SER A 133 -2.09 -0.19 17.73
C SER A 133 -2.13 1.33 17.47
N THR A 134 -0.95 1.94 17.35
CA THR A 134 -0.85 3.36 17.06
C THR A 134 0.08 3.52 15.87
N VAL A 135 -0.32 4.35 14.91
CA VAL A 135 0.48 4.63 13.73
C VAL A 135 0.59 6.14 13.57
N GLY A 136 1.68 6.56 12.95
CA GLY A 136 1.93 7.98 12.79
C GLY A 136 2.69 8.28 11.51
N LEU A 137 2.72 9.58 11.20
CA LEU A 137 3.30 10.12 9.98
C LEU A 137 3.78 11.53 10.31
N VAL A 138 5.04 11.83 9.98
CA VAL A 138 5.58 13.18 10.14
C VAL A 138 5.52 13.89 8.79
N ALA A 139 5.15 15.17 8.81
CA ALA A 139 4.96 15.95 7.59
C ALA A 139 5.03 17.43 7.97
N GLN A 140 5.08 18.30 6.96
CA GLN A 140 5.28 19.72 7.19
C GLN A 140 3.99 20.47 6.86
N GLY A 141 3.68 21.49 7.67
CA GLY A 141 2.53 22.33 7.43
C GLY A 141 2.82 23.40 6.38
N LEU A 142 1.83 24.26 6.16
CA LEU A 142 1.96 25.25 5.09
C LEU A 142 3.11 26.23 5.32
N ALA A 143 3.63 26.30 6.55
CA ALA A 143 4.69 27.22 6.93
C ALA A 143 5.99 26.50 7.19
N GLY A 144 6.04 25.20 6.94
CA GLY A 144 7.21 24.41 7.25
C GLY A 144 7.24 23.82 8.65
N GLU A 145 6.19 23.98 9.45
CA GLU A 145 6.25 23.48 10.83
C GLU A 145 5.93 21.98 10.85
N PRO A 146 6.74 21.16 11.49
CA PRO A 146 6.47 19.72 11.48
C PRO A 146 5.15 19.40 12.18
N LEU A 147 4.42 18.46 11.58
CA LEU A 147 3.15 17.99 12.09
C LEU A 147 3.24 16.48 12.35
N LEU A 148 2.46 16.02 13.33
CA LEU A 148 2.34 14.59 13.62
C LEU A 148 0.91 14.16 13.34
N PHE A 149 0.73 13.32 12.30
CA PHE A 149 -0.52 12.61 12.05
C PHE A 149 -0.50 11.33 12.87
N VAL A 150 -1.59 11.05 13.59
CA VAL A 150 -1.65 9.92 14.51
C VAL A 150 -2.95 9.15 14.26
N GLY A 151 -2.80 7.84 14.06
CA GLY A 151 -3.90 6.92 13.88
C GLY A 151 -3.99 5.98 15.06
N ARG A 152 -5.05 6.14 15.83
CA ARG A 152 -5.14 5.59 17.17
C ARG A 152 -6.40 4.77 17.31
N GLY A 153 -6.27 3.46 17.53
CA GLY A 153 -7.42 2.63 17.75
C GLY A 153 -8.07 2.88 19.10
N TYR A 154 -9.24 2.29 19.29
CA TYR A 154 -10.05 2.59 20.47
C TYR A 154 -9.58 1.82 21.71
N THR A 155 -9.52 2.52 22.85
CA THR A 155 -9.16 1.94 24.14
C THR A 155 -10.34 1.93 25.12
N SER A 156 -10.49 0.82 25.82
CA SER A 156 -11.44 0.68 26.91
C SER A 156 -10.99 1.42 28.18
N GLY A 162 -12.24 9.68 25.27
CA GLY A 162 -12.68 9.69 23.89
C GLY A 162 -11.78 10.53 22.98
N ILE A 163 -10.77 9.89 22.42
CA ILE A 163 -9.72 10.58 21.67
C ILE A 163 -9.95 10.32 20.19
N PRO A 164 -9.87 11.34 19.34
CA PRO A 164 -10.20 11.17 17.92
C PRO A 164 -9.36 10.04 17.33
N PRO A 165 -9.94 9.22 16.46
CA PRO A 165 -9.17 8.15 15.84
C PRO A 165 -8.04 8.66 14.96
N ILE A 166 -8.18 9.85 14.35
CA ILE A 166 -7.13 10.48 13.55
C ILE A 166 -6.99 11.94 13.99
N THR A 167 -5.75 12.36 14.29
CA THR A 167 -5.46 13.69 14.78
C THR A 167 -4.25 14.24 14.05
N THR A 168 -4.18 15.56 13.96
CA THR A 168 -3.02 16.23 13.39
C THR A 168 -2.52 17.15 14.47
N ARG A 169 -1.34 16.82 15.00
CA ARG A 169 -0.80 17.43 16.19
C ARG A 169 0.49 18.18 15.84
N ALA A 170 0.71 19.27 16.55
CA ALA A 170 1.87 20.14 16.31
C ALA A 170 3.07 19.62 17.08
N LEU A 171 4.16 19.39 16.36
CA LEU A 171 5.40 18.94 16.96
C LEU A 171 6.20 20.11 17.55
N TRP A 172 6.29 21.23 16.85
CA TRP A 172 7.05 22.39 17.32
C TRP A 172 6.17 23.63 17.45
N PRO A 173 5.13 23.59 18.28
CA PRO A 173 4.32 24.79 18.46
C PRO A 173 5.17 25.89 19.08
N PRO A 174 4.85 27.15 18.79
CA PRO A 174 5.66 28.24 19.37
C PRO A 174 5.68 28.22 20.90
N ASP A 175 4.59 27.85 21.56
CA ASP A 175 4.61 27.66 23.00
C ASP A 175 4.95 26.20 23.25
N PRO A 176 6.14 25.89 23.75
CA PRO A 176 6.55 24.48 23.91
C PRO A 176 5.61 23.63 24.74
N GLN A 177 4.87 24.22 25.69
CA GLN A 177 3.93 23.45 26.51
C GLN A 177 2.79 22.88 25.68
N ALA A 178 2.57 23.39 24.47
CA ALA A 178 1.47 22.89 23.66
C ALA A 178 1.87 21.71 22.75
N ALA A 179 3.08 21.16 22.92
CA ALA A 179 3.56 20.13 22.01
C ALA A 179 2.60 18.94 21.96
N PHE A 180 2.47 18.35 20.77
CA PHE A 180 1.67 17.14 20.54
C PHE A 180 0.17 17.36 20.67
N SER A 181 -0.29 18.59 20.81
CA SER A 181 -1.73 18.76 20.90
C SER A 181 -2.30 19.04 19.52
N TYR A 182 -3.57 18.71 19.35
CA TYR A 182 -4.31 19.00 18.13
C TYR A 182 -5.27 20.15 18.38
N GLU A 183 -5.52 20.94 17.33
CA GLU A 183 -6.52 21.97 17.52
C GLU A 183 -7.92 21.40 17.29
N GLU A 184 -8.91 22.12 17.81
CA GLU A 184 -10.31 21.70 17.82
C GLU A 184 -10.75 20.99 16.53
N THR A 185 -10.41 21.54 15.37
CA THR A 185 -10.84 20.96 14.10
C THR A 185 -9.81 20.03 13.43
N ALA A 186 -8.58 19.95 13.95
CA ALA A 186 -7.53 19.11 13.36
C ALA A 186 -7.69 17.66 13.82
N LYS A 187 -8.87 17.12 13.53
CA LYS A 187 -9.28 15.81 14.02
C LYS A 187 -10.40 15.28 13.15
N LEU A 188 -10.51 13.96 13.09
CA LEU A 188 -11.69 13.27 12.56
C LEU A 188 -12.67 13.06 13.70
N ALA A 189 -13.71 13.88 13.75
CA ALA A 189 -14.75 13.78 14.78
C ALA A 189 -15.65 12.59 14.50
N VAL A 190 -15.54 11.56 15.33
CA VAL A 190 -16.32 10.32 15.20
C VAL A 190 -17.18 10.17 16.45
N GLY A 191 -18.49 10.08 16.26
CA GLY A 191 -19.35 9.78 17.37
C GLY A 191 -19.04 8.50 18.12
N ARG A 192 -19.38 7.34 17.53
CA ARG A 192 -19.36 6.07 18.25
C ARG A 192 -18.04 5.37 18.02
N LEU A 193 -17.01 5.84 18.73
CA LEU A 193 -15.69 5.24 18.64
C LEU A 193 -15.73 3.73 18.88
N SER A 194 -16.33 3.33 20.00
CA SER A 194 -16.30 1.94 20.41
C SER A 194 -16.96 1.03 19.38
N GLU A 195 -17.99 1.54 18.69
CA GLU A 195 -18.70 0.69 17.74
C GLU A 195 -17.94 0.60 16.42
N TYR A 196 -17.42 1.72 15.91
CA TYR A 196 -16.58 1.64 14.71
C TYR A 196 -15.31 0.82 14.97
N SER A 197 -14.71 0.99 16.15
CA SER A 197 -13.58 0.18 16.57
C SER A 197 -12.47 0.15 15.50
N HIS A 198 -11.93 1.33 15.24
CA HIS A 198 -10.79 1.45 14.34
C HIS A 198 -9.63 0.58 14.80
N HIS A 199 -8.95 -0.03 13.84
CA HIS A 199 -7.68 -0.71 14.06
C HIS A 199 -6.74 -0.30 12.93
N PHE A 200 -5.68 0.40 13.29
CA PHE A 200 -4.78 1.04 12.35
C PHE A 200 -3.57 0.17 12.03
N VAL A 201 -3.22 0.13 10.75
CA VAL A 201 -2.15 -0.70 10.25
C VAL A 201 -0.96 0.14 9.77
N SER A 202 -1.21 1.21 9.04
CA SER A 202 -0.10 2.04 8.62
C SER A 202 -0.60 3.42 8.22
N ALA A 203 0.36 4.34 8.18
CA ALA A 203 0.18 5.70 7.71
C ALA A 203 1.33 6.00 6.75
N PHE A 204 1.02 6.69 5.66
CA PHE A 204 2.07 7.04 4.72
C PHE A 204 1.66 8.29 3.97
N ALA A 205 2.66 9.07 3.57
CA ALA A 205 2.43 10.29 2.80
C ALA A 205 2.85 10.07 1.37
N ARG A 206 2.11 10.66 0.43
CA ARG A 206 2.60 10.77 -0.94
C ARG A 206 2.05 12.03 -1.58
N GLY A 207 2.93 12.83 -2.16
CA GLY A 207 2.52 14.09 -2.76
C GLY A 207 1.93 15.08 -1.79
N ALA A 208 0.66 15.43 -1.99
CA ALA A 208 0.02 16.44 -1.15
C ALA A 208 -0.94 15.85 -0.12
N SER A 209 -0.84 14.55 0.15
CA SER A 209 -1.83 13.90 1.01
C SER A 209 -1.15 12.97 2.01
N ALA A 210 -1.89 12.71 3.10
CA ALA A 210 -1.60 11.67 4.09
C ALA A 210 -2.64 10.55 3.95
N TYR A 211 -2.19 9.31 4.09
CA TYR A 211 -3.00 8.13 3.85
C TYR A 211 -2.96 7.20 5.06
N PHE A 212 -4.10 6.64 5.43
CA PHE A 212 -4.20 5.71 6.53
C PHE A 212 -4.83 4.42 6.07
N LEU A 213 -4.32 3.30 6.58
CA LEU A 213 -4.86 1.98 6.32
C LEU A 213 -5.31 1.39 7.64
N PHE A 214 -6.55 0.92 7.69
CA PHE A 214 -7.12 0.53 8.95
C PHE A 214 -8.28 -0.41 8.68
N LEU A 215 -8.70 -1.08 9.74
CA LEU A 215 -9.95 -1.81 9.77
C LEU A 215 -10.90 -1.02 10.64
N ARG A 216 -12.20 -1.16 10.35
CA ARG A 216 -13.27 -0.65 11.19
C ARG A 216 -14.56 -1.32 10.76
N ARG A 217 -15.50 -1.40 11.69
CA ARG A 217 -16.82 -1.96 11.40
C ARG A 217 -17.55 -1.08 10.39
N ASP A 218 -18.22 -1.75 9.45
CA ASP A 218 -18.98 -1.06 8.41
C ASP A 218 -20.42 -0.84 8.89
N LEU A 219 -20.55 0.07 9.88
CA LEU A 219 -21.84 0.34 10.51
C LEU A 219 -22.88 0.82 9.50
N GLN A 220 -22.45 1.48 8.43
CA GLN A 220 -23.37 1.98 7.42
C GLN A 220 -24.10 0.85 6.69
N ALA A 221 -23.39 -0.23 6.38
CA ALA A 221 -24.01 -1.36 5.73
C ALA A 221 -24.73 -2.27 6.73
N GLN A 222 -25.50 -3.23 6.19
CA GLN A 222 -26.25 -4.15 7.03
C GLN A 222 -25.34 -5.09 7.80
N SER A 223 -24.18 -5.41 7.24
CA SER A 223 -23.32 -6.43 7.83
C SER A 223 -22.64 -5.93 9.11
N ARG A 224 -22.24 -4.66 9.13
CA ARG A 224 -21.44 -4.10 10.24
C ARG A 224 -20.19 -4.94 10.49
N ALA A 225 -19.67 -5.53 9.41
CA ALA A 225 -18.44 -6.30 9.41
C ALA A 225 -17.21 -5.39 9.38
N PHE A 226 -16.15 -5.82 10.06
CA PHE A 226 -14.86 -5.17 9.92
C PHE A 226 -14.42 -5.16 8.46
N ARG A 227 -13.91 -4.01 8.01
CA ARG A 227 -13.57 -3.81 6.61
C ARG A 227 -12.32 -2.94 6.51
N ALA A 228 -11.52 -3.23 5.47
CA ALA A 228 -10.29 -2.51 5.19
C ALA A 228 -10.59 -1.19 4.48
N TYR A 229 -9.89 -0.12 4.89
CA TYR A 229 -10.04 1.18 4.27
C TYR A 229 -8.67 1.82 4.05
N VAL A 230 -8.58 2.62 2.99
CA VAL A 230 -7.56 3.64 2.88
C VAL A 230 -8.28 4.97 2.98
N SER A 231 -7.73 5.89 3.76
CA SER A 231 -8.34 7.21 3.82
C SER A 231 -7.28 8.24 3.50
N ARG A 232 -7.73 9.36 2.95
CA ARG A 232 -6.83 10.37 2.43
C ARG A 232 -7.28 11.73 2.94
N VAL A 233 -6.30 12.54 3.33
CA VAL A 233 -6.54 13.87 3.85
C VAL A 233 -5.45 14.76 3.31
N CYS A 234 -5.78 16.02 3.01
CA CYS A 234 -4.76 16.94 2.52
C CYS A 234 -3.67 17.10 3.58
N LEU A 235 -2.42 16.98 3.12
CA LEU A 235 -1.24 16.98 3.99
C LEU A 235 -1.05 18.29 4.77
N ARG A 236 -1.80 19.35 4.43
CA ARG A 236 -1.76 20.60 5.20
C ARG A 236 -3.11 21.17 5.57
N ASP A 237 -4.22 20.66 5.02
CA ASP A 237 -5.56 20.97 5.51
C ASP A 237 -5.63 20.52 6.96
N GLN A 238 -5.44 21.48 7.87
CA GLN A 238 -5.41 21.19 9.30
C GLN A 238 -6.80 21.19 9.91
N HIS A 239 -7.80 20.97 9.08
CA HIS A 239 -9.09 20.43 9.46
C HIS A 239 -9.22 19.13 8.67
N TYR A 240 -10.39 18.54 8.67
CA TYR A 240 -10.52 17.28 7.95
C TYR A 240 -11.53 17.44 6.81
N TYR A 241 -11.55 18.65 6.24
CA TYR A 241 -12.46 19.00 5.16
C TYR A 241 -12.25 18.10 3.96
N SER A 242 -10.99 17.74 3.69
CA SER A 242 -10.65 16.92 2.54
C SER A 242 -10.74 15.42 2.81
N TYR A 243 -11.01 15.02 4.06
CA TYR A 243 -10.92 13.62 4.44
C TYR A 243 -11.94 12.78 3.68
N VAL A 244 -11.47 11.68 3.10
CA VAL A 244 -12.30 10.79 2.27
C VAL A 244 -11.84 9.35 2.51
N GLU A 245 -12.79 8.43 2.67
CA GLU A 245 -12.50 7.03 2.95
C GLU A 245 -12.87 6.14 1.76
N LEU A 246 -12.02 5.16 1.45
CA LEU A 246 -12.33 4.20 0.39
C LEU A 246 -12.22 2.78 0.93
N PRO A 247 -13.27 1.95 0.78
CA PRO A 247 -13.14 0.51 1.08
C PRO A 247 -12.12 -0.13 0.16
N LEU A 248 -11.42 -1.14 0.67
CA LEU A 248 -10.37 -1.83 -0.05
C LEU A 248 -10.78 -3.28 -0.24
N ALA A 249 -10.83 -3.72 -1.49
CA ALA A 249 -11.21 -5.09 -1.84
C ALA A 249 -10.00 -5.80 -2.44
N CYS A 250 -9.60 -6.92 -1.84
CA CYS A 250 -8.59 -7.83 -2.37
C CYS A 250 -9.26 -9.18 -2.67
N GLU A 251 -9.16 -9.67 -3.93
CA GLU A 251 -10.05 -10.70 -4.51
C GLU A 251 -11.47 -10.47 -4.00
N GLY A 252 -11.98 -9.25 -4.24
CA GLY A 252 -13.34 -8.89 -3.88
C GLY A 252 -13.71 -9.07 -2.43
N GLY A 253 -12.74 -8.96 -1.52
CA GLY A 253 -13.04 -9.08 -0.11
C GLY A 253 -12.92 -10.46 0.47
N ARG A 254 -12.49 -11.45 -0.32
CA ARG A 254 -12.22 -12.77 0.24
C ARG A 254 -11.11 -12.72 1.29
N TYR A 255 -10.12 -11.86 1.09
CA TYR A 255 -9.05 -11.63 2.06
C TYR A 255 -9.36 -10.30 2.73
N GLY A 256 -10.15 -10.36 3.80
CA GLY A 256 -10.83 -9.17 4.28
C GLY A 256 -9.99 -8.22 5.14
N LEU A 257 -8.97 -8.74 5.81
CA LEU A 257 -8.27 -8.00 6.87
C LEU A 257 -6.90 -7.55 6.37
N ILE A 258 -6.75 -6.25 6.17
CA ILE A 258 -5.46 -5.72 5.77
C ILE A 258 -4.50 -5.84 6.95
N GLN A 259 -3.28 -6.25 6.66
CA GLN A 259 -2.31 -6.56 7.69
C GLN A 259 -1.08 -5.67 7.67
N ALA A 260 -0.58 -5.31 6.49
CA ALA A 260 0.68 -4.62 6.28
C ALA A 260 0.68 -4.12 4.83
N ALA A 261 1.55 -3.15 4.54
CA ALA A 261 1.60 -2.55 3.21
C ALA A 261 2.88 -1.74 3.08
N ALA A 262 3.36 -1.65 1.85
CA ALA A 262 4.55 -0.87 1.55
C ALA A 262 4.53 -0.57 0.05
N VAL A 263 5.19 0.54 -0.30
CA VAL A 263 5.53 0.84 -1.67
C VAL A 263 6.97 0.37 -1.91
N ALA A 264 7.33 0.22 -3.19
CA ALA A 264 8.69 -0.22 -3.53
C ALA A 264 9.69 0.83 -3.12
N THR A 265 10.81 0.38 -2.54
CA THR A 265 11.90 1.24 -2.10
C THR A 265 13.20 0.60 -2.55
N SER A 266 14.08 1.40 -3.17
CA SER A 266 15.33 0.92 -3.72
C SER A 266 16.20 2.11 -4.09
N ARG A 267 17.38 1.81 -4.61
CA ARG A 267 18.24 2.86 -5.16
C ARG A 267 17.57 3.59 -6.32
N GLU A 268 16.79 2.85 -7.14
CA GLU A 268 16.19 3.46 -8.33
C GLU A 268 15.01 4.35 -7.96
N VAL A 269 14.29 4.04 -6.89
CA VAL A 269 13.17 4.87 -6.45
C VAL A 269 13.05 4.74 -4.94
N ALA A 270 13.02 5.88 -4.23
CA ALA A 270 12.91 5.83 -2.78
C ALA A 270 11.49 5.50 -2.35
N HIS A 271 10.49 5.85 -3.15
CA HIS A 271 9.10 5.57 -2.80
C HIS A 271 8.28 5.40 -4.08
N GLY A 272 7.99 4.15 -4.41
CA GLY A 272 7.29 3.83 -5.63
C GLY A 272 5.86 4.30 -5.59
N GLU A 273 5.17 4.08 -6.70
CA GLU A 273 3.81 4.55 -6.93
C GLU A 273 2.76 3.46 -6.73
N VAL A 274 3.18 2.27 -6.30
CA VAL A 274 2.31 1.10 -6.22
C VAL A 274 2.34 0.59 -4.78
N LEU A 275 1.19 0.57 -4.14
CA LEU A 275 1.08 0.08 -2.78
C LEU A 275 0.82 -1.43 -2.85
N PHE A 276 1.68 -2.20 -2.18
CA PHE A 276 1.55 -3.65 -2.07
C PHE A 276 1.03 -3.96 -0.67
N ALA A 277 -0.22 -4.37 -0.58
CA ALA A 277 -0.85 -4.65 0.70
C ALA A 277 -1.05 -6.15 0.93
N ALA A 278 -0.73 -6.61 2.13
CA ALA A 278 -0.99 -7.98 2.53
C ALA A 278 -2.33 -8.05 3.23
N PHE A 279 -3.15 -9.02 2.83
CA PHE A 279 -4.46 -9.24 3.42
C PHE A 279 -4.56 -10.67 3.89
N SER A 280 -5.40 -10.88 4.90
CA SER A 280 -5.71 -12.20 5.42
C SER A 280 -7.22 -12.38 5.48
N SER A 281 -7.64 -13.62 5.29
CA SER A 281 -9.03 -13.96 5.49
C SER A 281 -9.34 -13.97 6.98
N ALA A 282 -10.54 -13.51 7.34
CA ALA A 282 -10.90 -13.37 8.75
C ALA A 282 -11.43 -14.68 9.33
N PRO A 291 -9.80 -7.79 15.75
CA PRO A 291 -10.06 -8.57 14.54
C PRO A 291 -8.77 -9.21 14.06
N SER A 292 -8.75 -10.54 14.01
CA SER A 292 -7.53 -11.27 13.71
C SER A 292 -7.75 -12.21 12.55
N ALA A 293 -6.66 -12.64 11.94
CA ALA A 293 -6.76 -13.58 10.84
C ALA A 293 -6.91 -15.00 11.36
N ALA A 294 -7.60 -15.83 10.57
CA ALA A 294 -7.69 -17.26 10.87
C ALA A 294 -6.29 -17.85 11.00
N ALA A 295 -6.03 -18.48 12.14
CA ALA A 295 -4.70 -18.99 12.44
C ALA A 295 -4.57 -20.43 11.94
N GLY A 296 -3.42 -20.73 11.32
CA GLY A 296 -3.14 -22.08 10.89
C GLY A 296 -3.57 -22.41 9.47
N ALA A 297 -3.94 -23.68 9.23
CA ALA A 297 -4.25 -24.15 7.89
C ALA A 297 -5.48 -23.46 7.31
N SER A 298 -6.45 -23.11 8.17
CA SER A 298 -7.67 -22.46 7.70
C SER A 298 -7.37 -21.10 7.08
N GLY A 299 -6.42 -20.35 7.65
CA GLY A 299 -6.15 -19.02 7.18
C GLY A 299 -5.57 -19.02 5.77
N ALA A 300 -5.62 -17.84 5.17
CA ALA A 300 -4.97 -17.62 3.89
C ALA A 300 -4.62 -16.15 3.76
N SER A 301 -3.57 -15.88 3.01
CA SER A 301 -3.11 -14.52 2.81
C SER A 301 -2.98 -14.23 1.32
N ALA A 302 -3.06 -12.94 0.99
CA ALA A 302 -2.93 -12.45 -0.37
C ALA A 302 -2.12 -11.17 -0.37
N LEU A 303 -1.38 -10.95 -1.45
CA LEU A 303 -0.72 -9.68 -1.71
C LEU A 303 -1.46 -9.02 -2.86
N CYS A 304 -2.00 -7.85 -2.61
CA CYS A 304 -2.73 -7.11 -3.61
C CYS A 304 -1.96 -5.82 -3.87
N ALA A 305 -1.83 -5.45 -5.14
CA ALA A 305 -1.16 -4.21 -5.51
C ALA A 305 -2.20 -3.21 -5.96
N PHE A 306 -2.14 -2.01 -5.40
CA PHE A 306 -2.96 -0.86 -5.74
C PHE A 306 -2.05 0.27 -6.21
N PRO A 307 -2.13 0.73 -7.46
CA PRO A 307 -1.44 1.97 -7.79
C PRO A 307 -2.03 3.11 -6.99
N LEU A 308 -1.16 3.93 -6.42
CA LEU A 308 -1.64 5.07 -5.66
C LEU A 308 -2.43 6.04 -6.54
N ASP A 309 -2.07 6.17 -7.81
CA ASP A 309 -2.90 6.95 -8.73
C ASP A 309 -4.32 6.40 -8.85
N GLU A 310 -4.55 5.13 -8.54
CA GLU A 310 -5.93 4.67 -8.59
C GLU A 310 -6.67 5.04 -7.31
N VAL A 311 -6.00 4.93 -6.17
CA VAL A 311 -6.52 5.47 -4.91
C VAL A 311 -6.94 6.91 -5.12
N ASP A 312 -6.10 7.70 -5.79
CA ASP A 312 -6.40 9.13 -5.88
C ASP A 312 -7.54 9.41 -6.83
N ARG A 313 -7.71 8.59 -7.85
CA ARG A 313 -8.82 8.83 -8.77
C ARG A 313 -10.15 8.49 -8.13
N LEU A 314 -10.22 7.36 -7.42
CA LEU A 314 -11.46 7.00 -6.73
C LEU A 314 -11.83 8.04 -5.67
N ALA A 315 -10.81 8.52 -4.92
CA ALA A 315 -11.06 9.52 -3.90
C ALA A 315 -11.51 10.83 -4.52
N ASN A 316 -10.86 11.23 -5.61
CA ASN A 316 -11.27 12.40 -6.36
C ASN A 316 -12.72 12.27 -6.85
N ARG A 317 -13.03 11.18 -7.53
CA ARG A 317 -14.40 10.97 -7.99
C ARG A 317 -15.39 11.03 -6.81
N THR A 318 -14.98 10.50 -5.66
CA THR A 318 -15.86 10.52 -4.49
C THR A 318 -16.07 11.94 -4.00
N ARG A 319 -14.98 12.71 -3.92
CA ARG A 319 -15.09 14.11 -3.53
C ARG A 319 -15.93 14.89 -4.53
N ASP A 320 -15.75 14.60 -5.84
CA ASP A 320 -16.47 15.32 -6.89
C ASP A 320 -17.96 14.99 -6.86
N ALA A 321 -18.31 13.74 -6.58
CA ALA A 321 -19.70 13.35 -6.55
C ALA A 321 -20.38 13.98 -5.35
N CYS A 322 -19.70 13.99 -4.21
CA CYS A 322 -20.32 14.51 -3.01
C CYS A 322 -20.44 16.04 -3.07
N TYR A 323 -19.44 16.73 -3.62
CA TYR A 323 -19.51 18.19 -3.65
C TYR A 323 -20.56 18.68 -4.64
N THR A 324 -20.65 18.04 -5.80
CA THR A 324 -21.31 18.65 -6.96
C THR A 324 -22.46 17.84 -7.54
N ARG A 325 -22.67 16.59 -7.12
CA ARG A 325 -23.76 15.78 -7.66
C ARG A 325 -24.48 15.02 -6.55
N GLU A 326 -24.50 15.58 -5.34
CA GLU A 326 -25.16 14.96 -4.18
C GLU A 326 -24.82 13.48 -4.03
N GLY A 327 -23.53 13.18 -4.19
CA GLY A 327 -23.02 11.84 -3.95
C GLY A 327 -23.28 10.87 -5.07
N ARG A 328 -23.58 11.38 -6.26
CA ARG A 328 -23.95 10.56 -7.41
C ARG A 328 -22.84 10.54 -8.44
N ALA A 329 -22.68 9.38 -9.08
CA ALA A 329 -21.82 9.27 -10.24
C ALA A 329 -22.54 9.78 -11.50
N GLU A 330 -21.79 9.85 -12.61
CA GLU A 330 -22.32 10.49 -13.81
C GLU A 330 -23.59 9.81 -14.32
N ASP A 331 -23.73 8.51 -14.09
CA ASP A 331 -24.91 7.74 -14.48
C ASP A 331 -26.06 7.84 -13.47
N GLY A 332 -25.95 8.71 -12.47
CA GLY A 332 -26.98 8.87 -11.45
C GLY A 332 -26.95 7.87 -10.30
N THR A 333 -25.94 7.03 -10.19
CA THR A 333 -25.88 6.02 -9.14
C THR A 333 -25.22 6.58 -7.87
N GLU A 334 -25.60 6.00 -6.73
CA GLU A 334 -25.22 6.53 -5.42
C GLU A 334 -23.87 5.95 -4.98
N VAL A 335 -22.81 6.76 -5.06
CA VAL A 335 -21.46 6.28 -4.87
C VAL A 335 -20.72 6.96 -3.72
N ALA A 336 -21.20 8.10 -3.21
CA ALA A 336 -20.50 8.80 -2.15
C ALA A 336 -21.50 9.26 -1.10
N TYR A 337 -21.06 9.33 0.15
CA TYR A 337 -21.96 9.71 1.24
C TYR A 337 -21.12 10.23 2.40
N ILE A 338 -21.80 10.75 3.41
CA ILE A 338 -21.15 11.27 4.61
C ILE A 338 -21.14 10.15 5.64
N GLU A 339 -19.98 9.92 6.25
CA GLU A 339 -19.75 8.79 7.14
C GLU A 339 -19.74 9.27 8.59
N TYR A 340 -19.78 8.29 9.51
CA TYR A 340 -19.66 8.49 10.96
C TYR A 340 -20.81 9.28 11.58
N ASP A 341 -21.98 9.34 10.94
CA ASP A 341 -23.19 9.94 11.51
C ASP A 341 -23.03 11.43 11.78
N VAL A 342 -22.16 12.08 11.03
CA VAL A 342 -21.93 13.52 11.15
C VAL A 342 -23.03 14.27 10.42
N ASN A 343 -23.57 15.31 11.05
CA ASN A 343 -24.65 16.08 10.47
C ASN A 343 -24.10 16.90 9.31
N SER A 344 -24.27 16.36 8.10
CA SER A 344 -23.67 16.86 6.87
C SER A 344 -24.19 16.00 5.72
N ASP A 345 -24.39 16.60 4.54
CA ASP A 345 -24.94 15.84 3.43
C ASP A 345 -24.18 16.17 2.15
N CYS A 346 -24.19 15.24 1.20
CA CYS A 346 -23.60 15.53 -0.09
C CYS A 346 -24.43 16.62 -0.76
N ALA A 347 -23.75 17.52 -1.47
CA ALA A 347 -24.33 18.77 -1.92
C ALA A 347 -24.28 18.86 -3.45
N GLN A 348 -24.93 19.90 -3.98
CA GLN A 348 -24.83 20.19 -5.40
C GLN A 348 -24.14 21.53 -5.59
N LEU A 349 -22.90 21.64 -5.14
CA LEU A 349 -22.16 22.90 -5.22
C LEU A 349 -21.74 23.17 -6.66
N PRO A 350 -21.49 24.44 -6.99
CA PRO A 350 -21.03 24.78 -8.35
C PRO A 350 -19.68 24.16 -8.66
N VAL A 351 -19.56 23.62 -9.88
CA VAL A 351 -18.32 23.02 -10.39
C VAL A 351 -17.13 23.90 -10.06
N ASP A 352 -17.40 25.19 -9.88
CA ASP A 352 -16.40 26.17 -9.53
C ASP A 352 -15.63 25.78 -8.25
N THR A 353 -16.34 25.21 -7.28
CA THR A 353 -15.74 24.98 -5.97
C THR A 353 -14.68 23.87 -5.98
N LEU A 354 -14.68 23.02 -7.02
CA LEU A 354 -13.64 22.00 -7.12
C LEU A 354 -12.26 22.63 -7.19
N ASP A 355 -12.11 23.72 -7.94
CA ASP A 355 -10.82 24.41 -8.00
C ASP A 355 -10.65 25.36 -6.84
N ALA A 356 -11.71 26.08 -6.46
CA ALA A 356 -11.61 26.98 -5.33
C ALA A 356 -11.14 26.26 -4.07
N TYR A 357 -11.73 25.09 -3.78
CA TYR A 357 -11.48 24.37 -2.54
C TYR A 357 -11.08 22.94 -2.84
N PRO A 358 -9.85 22.73 -3.31
CA PRO A 358 -9.38 21.35 -3.55
C PRO A 358 -9.37 20.50 -2.28
N CYS A 359 -9.08 21.13 -1.12
CA CYS A 359 -9.14 20.49 0.18
C CYS A 359 -10.38 20.87 0.97
N GLY A 360 -11.38 21.46 0.32
CA GLY A 360 -12.62 21.77 0.99
C GLY A 360 -12.54 23.03 1.84
N SER A 361 -13.62 23.25 2.58
CA SER A 361 -13.79 24.40 3.44
C SER A 361 -14.81 24.02 4.52
N ASP A 362 -15.23 25.01 5.31
CA ASP A 362 -16.18 24.73 6.38
C ASP A 362 -17.62 24.58 5.89
N HIS A 363 -17.88 24.83 4.61
CA HIS A 363 -19.21 24.65 4.05
C HIS A 363 -19.28 23.46 3.09
N THR A 364 -18.17 22.68 2.95
CA THR A 364 -18.19 21.51 2.08
C THR A 364 -18.49 20.23 2.87
N PRO A 365 -19.17 19.27 2.21
CA PRO A 365 -19.53 18.02 2.89
C PRO A 365 -18.31 17.33 3.49
N SER A 366 -18.50 16.72 4.65
CA SER A 366 -17.42 16.16 5.44
C SER A 366 -18.02 15.32 6.57
N PRO A 367 -17.44 14.15 6.91
CA PRO A 367 -16.36 13.46 6.20
C PRO A 367 -16.92 12.50 5.15
N MET A 368 -16.28 12.45 3.99
CA MET A 368 -16.79 11.73 2.84
C MET A 368 -16.27 10.30 2.80
N ALA A 369 -17.03 9.44 2.13
CA ALA A 369 -16.69 8.04 1.96
C ALA A 369 -17.28 7.56 0.64
N SER A 370 -16.67 6.50 0.10
CA SER A 370 -17.13 5.87 -1.13
C SER A 370 -17.94 4.63 -0.77
N ARG A 371 -19.06 4.46 -1.44
CA ARG A 371 -19.72 3.16 -1.48
C ARG A 371 -18.97 2.22 -2.38
N VAL A 372 -18.30 2.74 -3.40
CA VAL A 372 -17.55 1.92 -4.35
C VAL A 372 -16.19 1.60 -3.78
N PRO A 373 -15.86 0.33 -3.64
CA PRO A 373 -14.52 -0.08 -3.19
C PRO A 373 -13.46 0.02 -4.28
N LEU A 374 -12.22 0.18 -3.83
CA LEU A 374 -11.06 0.02 -4.70
C LEU A 374 -10.73 -1.46 -4.81
N GLU A 375 -10.75 -1.98 -6.03
CA GLU A 375 -10.67 -3.42 -6.25
C GLU A 375 -9.28 -3.81 -6.73
N ALA A 376 -8.79 -4.95 -6.24
CA ALA A 376 -7.54 -5.50 -6.70
C ALA A 376 -7.63 -7.02 -6.70
N THR A 377 -6.94 -7.61 -7.69
CA THR A 377 -6.71 -9.03 -7.91
C THR A 377 -5.41 -9.43 -7.23
N PRO A 378 -5.40 -10.51 -6.46
CA PRO A 378 -4.15 -10.91 -5.79
C PRO A 378 -3.01 -11.21 -6.77
N ILE A 379 -1.82 -10.73 -6.42
CA ILE A 379 -0.61 -11.19 -7.12
C ILE A 379 -0.13 -12.49 -6.51
N LEU A 380 -0.53 -12.82 -5.29
CA LEU A 380 -0.31 -14.15 -4.74
C LEU A 380 -1.47 -14.45 -3.81
N GLU A 381 -1.96 -15.70 -3.85
CA GLU A 381 -2.89 -16.26 -2.87
C GLU A 381 -2.10 -17.39 -2.16
N TRP A 382 -1.88 -17.29 -0.84
CA TRP A 382 -1.16 -18.33 -0.08
C TRP A 382 -1.96 -18.89 1.09
N PRO A 383 -2.54 -20.09 0.98
CA PRO A 383 -3.34 -20.63 2.09
C PRO A 383 -2.47 -21.18 3.21
N GLY A 384 -2.99 -21.09 4.44
CA GLY A 384 -2.24 -21.49 5.61
C GLY A 384 -1.14 -20.57 6.06
N ILE A 385 -1.01 -19.40 5.45
CA ILE A 385 0.02 -18.42 5.81
C ILE A 385 -0.70 -17.14 6.19
N GLN A 386 -0.32 -16.57 7.31
CA GLN A 386 -0.86 -15.30 7.75
C GLN A 386 0.25 -14.26 7.65
N LEU A 387 0.26 -13.49 6.55
CA LEU A 387 1.29 -12.47 6.35
C LEU A 387 1.14 -11.36 7.39
N THR A 388 2.26 -10.88 7.92
CA THR A 388 2.21 -9.79 8.88
C THR A 388 3.14 -8.63 8.53
N ALA A 389 3.79 -8.65 7.38
CA ALA A 389 4.88 -7.70 7.13
C ALA A 389 5.18 -7.66 5.65
N VAL A 390 5.41 -6.46 5.13
CA VAL A 390 5.62 -6.25 3.69
C VAL A 390 6.74 -5.24 3.50
N ALA A 391 7.78 -5.66 2.77
CA ALA A 391 8.76 -4.76 2.16
C ALA A 391 8.93 -5.18 0.70
N VAL A 392 9.23 -4.22 -0.16
CA VAL A 392 9.36 -4.45 -1.60
C VAL A 392 10.58 -3.66 -2.12
N THR A 393 11.41 -4.30 -2.94
CA THR A 393 12.57 -3.60 -3.46
C THR A 393 12.73 -3.96 -4.93
N MET A 394 13.85 -3.53 -5.51
CA MET A 394 14.12 -3.76 -6.92
C MET A 394 15.58 -4.18 -7.10
N GLU A 395 15.79 -5.15 -7.99
CA GLU A 395 17.13 -5.62 -8.29
C GLU A 395 17.23 -5.82 -9.80
N ASP A 396 18.17 -5.13 -10.44
CA ASP A 396 18.35 -5.25 -11.89
C ASP A 396 17.02 -5.04 -12.61
N GLY A 397 16.19 -4.14 -12.07
CA GLY A 397 14.89 -3.86 -12.66
C GLY A 397 13.74 -4.74 -12.17
N HIS A 398 14.05 -5.85 -11.51
CA HIS A 398 13.02 -6.78 -11.02
C HIS A 398 12.47 -6.32 -9.67
N THR A 399 11.15 -6.25 -9.58
CA THR A 399 10.50 -6.01 -8.30
C THR A 399 10.43 -7.30 -7.50
N ILE A 400 11.00 -7.29 -6.29
CA ILE A 400 10.95 -8.42 -5.37
C ILE A 400 10.29 -7.98 -4.06
N ALA A 401 9.39 -8.85 -3.57
CA ALA A 401 8.71 -8.66 -2.30
C ALA A 401 9.36 -9.51 -1.22
N PHE A 402 9.58 -8.90 -0.04
CA PHE A 402 9.93 -9.62 1.19
C PHE A 402 8.73 -9.59 2.14
N LEU A 403 8.20 -10.76 2.46
CA LEU A 403 6.96 -10.89 3.22
C LEU A 403 7.20 -11.71 4.48
N GLY A 404 6.87 -11.14 5.63
CA GLY A 404 6.93 -11.86 6.89
C GLY A 404 5.56 -12.37 7.26
N ASP A 405 5.53 -13.44 8.07
CA ASP A 405 4.26 -13.98 8.53
C ASP A 405 4.23 -14.16 10.05
N SER A 406 3.08 -14.64 10.54
CA SER A 406 2.84 -14.86 11.96
C SER A 406 3.72 -15.92 12.57
N GLN A 407 4.21 -16.85 11.76
CA GLN A 407 5.07 -17.93 12.24
C GLN A 407 6.56 -17.58 12.21
N GLY A 408 6.91 -16.33 11.97
CA GLY A 408 8.31 -15.98 12.00
C GLY A 408 9.05 -16.43 10.77
N GLN A 409 8.37 -16.49 9.63
CA GLN A 409 9.01 -16.83 8.37
C GLN A 409 9.12 -15.60 7.47
N LEU A 410 10.25 -15.48 6.78
CA LEU A 410 10.47 -14.45 5.76
C LEU A 410 10.49 -15.11 4.38
N HIS A 411 9.55 -14.72 3.53
CA HIS A 411 9.45 -15.23 2.17
C HIS A 411 9.91 -14.15 1.19
N ARG A 412 10.74 -14.56 0.23
CA ARG A 412 11.16 -13.70 -0.87
C ARG A 412 10.40 -14.13 -2.13
N VAL A 413 9.83 -13.15 -2.85
CA VAL A 413 8.88 -13.42 -3.95
C VAL A 413 9.19 -12.54 -5.15
N TYR A 414 9.30 -13.16 -6.32
CA TYR A 414 9.43 -12.43 -7.55
C TYR A 414 8.06 -12.01 -8.05
N LEU A 415 7.87 -10.71 -8.28
CA LEU A 415 6.60 -10.17 -8.73
C LEU A 415 6.58 -9.84 -10.23
N GLY A 416 7.65 -10.17 -10.96
CA GLY A 416 7.75 -9.80 -12.36
C GLY A 416 6.86 -10.65 -13.26
N PRO A 417 6.89 -10.36 -14.56
CA PRO A 417 6.12 -11.14 -15.52
C PRO A 417 6.54 -12.58 -15.47
N GLY A 418 5.59 -13.48 -15.71
CA GLY A 418 5.89 -14.90 -15.71
C GLY A 418 5.85 -15.55 -14.36
N SER A 419 5.67 -14.78 -13.30
CA SER A 419 5.63 -15.37 -11.97
C SER A 419 4.26 -15.97 -11.71
N ASP A 420 4.23 -16.91 -10.77
CA ASP A 420 2.98 -17.52 -10.35
C ASP A 420 2.76 -17.37 -8.85
N GLY A 421 3.45 -16.44 -8.20
CA GLY A 421 3.20 -16.14 -6.81
C GLY A 421 3.86 -17.05 -5.81
N HIS A 422 4.57 -18.06 -6.22
CA HIS A 422 5.25 -18.86 -5.23
C HIS A 422 6.52 -18.12 -4.77
N PRO A 423 6.91 -18.26 -3.51
CA PRO A 423 8.18 -17.66 -3.10
C PRO A 423 9.36 -18.44 -3.66
N TYR A 424 10.44 -17.73 -3.97
CA TYR A 424 11.65 -18.43 -4.39
C TYR A 424 12.55 -18.73 -3.22
N SER A 425 12.18 -18.33 -2.02
CA SER A 425 12.92 -18.68 -0.82
C SER A 425 12.03 -18.40 0.38
N THR A 426 12.12 -19.27 1.38
CA THR A 426 11.48 -19.09 2.68
C THR A 426 12.54 -19.35 3.73
N GLN A 427 12.62 -18.49 4.73
CA GLN A 427 13.63 -18.65 5.74
C GLN A 427 12.98 -18.47 7.10
N SER A 428 13.39 -19.29 8.06
CA SER A 428 12.86 -19.22 9.40
C SER A 428 13.70 -18.21 10.16
N ILE A 429 13.04 -17.26 10.78
CA ILE A 429 13.69 -16.15 11.46
C ILE A 429 13.65 -16.43 12.97
N GLN A 430 12.43 -16.46 13.54
CA GLN A 430 12.20 -16.91 14.91
C GLN A 430 10.86 -17.64 14.93
N GLN A 431 10.92 -18.97 14.81
CA GLN A 431 9.73 -19.77 14.60
C GLN A 431 8.64 -19.46 15.62
N GLY A 432 7.44 -19.12 15.11
CA GLY A 432 6.29 -18.82 15.91
C GLY A 432 6.08 -17.36 16.26
N SER A 433 7.08 -16.50 16.11
CA SER A 433 6.99 -15.10 16.46
C SER A 433 6.68 -14.27 15.22
N ALA A 434 5.56 -13.55 15.24
CA ALA A 434 5.17 -12.70 14.11
C ALA A 434 6.30 -11.77 13.66
N VAL A 435 6.44 -11.59 12.35
CA VAL A 435 7.39 -10.60 11.84
C VAL A 435 6.77 -9.22 11.95
N SER A 436 7.54 -8.25 12.43
CA SER A 436 7.00 -6.91 12.62
C SER A 436 6.77 -6.24 11.27
N ARG A 437 5.71 -5.44 11.18
CA ARG A 437 5.55 -4.75 9.91
C ARG A 437 6.55 -3.60 9.76
N ASP A 438 7.32 -3.27 10.81
CA ASP A 438 8.37 -2.25 10.71
C ASP A 438 9.62 -2.83 10.05
N LEU A 439 9.40 -3.72 9.08
CA LEU A 439 10.44 -4.20 8.21
C LEU A 439 10.99 -3.05 7.35
N THR A 440 12.33 -2.89 7.31
CA THR A 440 12.89 -1.84 6.47
C THR A 440 14.34 -2.15 6.08
N PHE A 441 14.77 -1.58 4.96
CA PHE A 441 16.08 -1.84 4.37
C PHE A 441 17.16 -0.91 4.90
N ASP A 442 18.42 -1.30 4.67
CA ASP A 442 19.52 -0.39 4.90
C ASP A 442 19.74 0.52 3.70
N GLY A 443 20.81 1.32 3.80
CA GLY A 443 20.99 2.43 2.86
C GLY A 443 21.19 1.97 1.43
N THR A 444 21.97 0.90 1.26
CA THR A 444 22.37 0.36 -0.03
C THR A 444 21.44 -0.73 -0.50
N PHE A 445 20.42 -1.06 0.28
CA PHE A 445 19.47 -2.11 -0.05
C PHE A 445 20.16 -3.45 -0.15
N GLU A 446 21.19 -3.64 0.65
CA GLU A 446 21.87 -4.92 0.73
C GLU A 446 21.37 -5.78 1.88
N HIS A 447 20.75 -5.19 2.89
CA HIS A 447 20.20 -5.93 4.02
C HIS A 447 18.76 -5.51 4.27
N LEU A 448 18.03 -6.44 4.87
CA LEU A 448 16.72 -6.20 5.41
C LEU A 448 16.87 -6.28 6.93
N TYR A 449 16.29 -5.31 7.63
CA TYR A 449 16.18 -5.36 9.08
C TYR A 449 14.88 -6.08 9.39
N VAL A 450 14.98 -7.28 9.96
CA VAL A 450 13.81 -8.06 10.29
C VAL A 450 13.65 -8.04 11.80
N MET A 451 12.46 -7.69 12.27
CA MET A 451 12.21 -7.60 13.70
C MET A 451 11.05 -8.49 14.08
N THR A 452 11.25 -9.26 15.16
CA THR A 452 10.22 -9.96 15.94
C THR A 452 10.17 -9.40 17.36
N GLN A 453 9.23 -9.91 18.15
CA GLN A 453 9.14 -9.47 19.55
C GLN A 453 10.41 -9.76 20.32
N SER A 454 11.31 -10.57 19.78
CA SER A 454 12.47 -11.02 20.53
C SER A 454 13.78 -10.44 20.05
N THR A 455 13.91 -10.16 18.76
CA THR A 455 15.24 -9.86 18.24
C THR A 455 15.12 -8.98 17.00
N LEU A 456 16.23 -8.31 16.71
CA LEU A 456 16.39 -7.51 15.50
C LEU A 456 17.55 -8.11 14.71
N LEU A 457 17.25 -8.71 13.57
CA LEU A 457 18.22 -9.40 12.72
C LEU A 457 18.46 -8.62 11.45
N LYS A 458 19.70 -8.63 11.00
CA LYS A 458 20.14 -7.92 9.81
C LYS A 458 20.42 -8.98 8.74
N VAL A 459 19.50 -9.07 7.80
CA VAL A 459 19.40 -10.20 6.87
C VAL A 459 19.88 -9.72 5.51
N PRO A 460 20.82 -10.42 4.87
CA PRO A 460 21.25 -10.01 3.53
C PRO A 460 20.18 -10.38 2.50
N VAL A 461 19.87 -9.43 1.60
CA VAL A 461 18.81 -9.67 0.63
C VAL A 461 19.07 -10.92 -0.22
N ALA A 462 20.33 -11.34 -0.38
CA ALA A 462 20.66 -12.58 -1.08
C ALA A 462 22.01 -13.07 -0.58
N SER A 463 22.35 -14.29 -0.97
CA SER A 463 23.60 -14.89 -0.52
C SER A 463 24.15 -15.79 -1.62
N CYS A 464 24.30 -15.20 -2.80
CA CYS A 464 24.84 -15.90 -3.96
C CYS A 464 26.23 -16.49 -3.68
N ALA A 465 27.06 -15.77 -2.92
CA ALA A 465 28.44 -16.17 -2.72
C ALA A 465 28.57 -17.57 -2.09
N GLN A 466 27.50 -18.09 -1.49
CA GLN A 466 27.49 -19.40 -0.85
C GLN A 466 27.51 -20.56 -1.85
N HIS A 467 27.33 -20.30 -3.14
CA HIS A 467 27.47 -21.32 -4.18
C HIS A 467 28.77 -21.08 -4.93
N LEU A 468 29.71 -22.02 -4.83
CA LEU A 468 31.04 -21.85 -5.39
C LEU A 468 31.19 -22.42 -6.79
N ASP A 469 30.14 -23.05 -7.29
CA ASP A 469 30.17 -23.75 -8.56
C ASP A 469 29.01 -23.27 -9.42
N CYS A 470 29.25 -23.21 -10.73
CA CYS A 470 28.22 -22.72 -11.65
C CYS A 470 26.94 -23.51 -11.50
N ALA A 471 27.04 -24.84 -11.42
CA ALA A 471 25.85 -25.70 -11.43
C ALA A 471 24.94 -25.41 -10.24
N SER A 472 25.50 -25.39 -9.02
CA SER A 472 24.70 -25.07 -7.83
C SER A 472 24.19 -23.63 -7.85
N CYS A 473 25.03 -22.68 -8.32
CA CYS A 473 24.58 -21.31 -8.50
C CYS A 473 23.28 -21.25 -9.32
N LEU A 474 23.21 -22.01 -10.43
CA LEU A 474 22.04 -21.92 -11.30
C LEU A 474 20.88 -22.78 -10.82
N ALA A 475 21.16 -23.84 -10.06
CA ALA A 475 20.07 -24.71 -9.64
C ALA A 475 19.23 -24.04 -8.57
N HIS A 476 19.88 -23.29 -7.66
CA HIS A 476 19.20 -22.61 -6.56
C HIS A 476 18.70 -21.25 -7.05
N ARG A 477 17.55 -21.28 -7.70
CA ARG A 477 17.04 -20.12 -8.40
C ARG A 477 16.71 -18.98 -7.45
N ASP A 478 17.21 -17.79 -7.76
CA ASP A 478 17.10 -16.61 -6.94
C ASP A 478 17.37 -15.44 -7.86
N PRO A 479 16.42 -14.53 -8.06
CA PRO A 479 16.61 -13.49 -9.09
C PRO A 479 17.81 -12.59 -8.85
N TYR A 480 18.37 -12.58 -7.63
CA TYR A 480 19.55 -11.77 -7.36
C TYR A 480 20.81 -12.40 -7.91
N CYS A 481 20.78 -13.68 -8.19
CA CYS A 481 21.99 -14.46 -8.30
C CYS A 481 22.17 -14.97 -9.72
N GLY A 482 23.42 -15.09 -10.12
CA GLY A 482 23.78 -15.65 -11.41
C GLY A 482 25.26 -15.94 -11.40
N TRP A 483 25.69 -16.71 -12.40
CA TRP A 483 27.06 -17.21 -12.47
C TRP A 483 27.90 -16.25 -13.30
N CYS A 484 28.96 -15.71 -12.71
CA CYS A 484 29.82 -14.76 -13.38
C CYS A 484 30.99 -15.53 -14.00
N VAL A 485 30.97 -15.69 -15.32
CA VAL A 485 31.89 -16.62 -15.97
C VAL A 485 33.34 -16.15 -15.81
N LEU A 486 33.61 -14.90 -16.16
CA LEU A 486 34.99 -14.40 -16.09
C LEU A 486 35.51 -14.39 -14.66
N LEU A 487 34.66 -14.11 -13.68
CA LEU A 487 35.11 -14.17 -12.30
C LEU A 487 35.00 -15.57 -11.71
N GLY A 488 34.16 -16.43 -12.28
CA GLY A 488 33.90 -17.72 -11.70
C GLY A 488 33.37 -17.61 -10.28
N ARG A 489 32.40 -16.73 -10.07
CA ARG A 489 31.68 -16.62 -8.80
C ARG A 489 30.18 -16.62 -9.07
N CYS A 490 29.41 -16.95 -8.03
CA CYS A 490 27.97 -16.73 -8.05
C CYS A 490 27.73 -15.36 -7.42
N SER A 491 27.11 -14.45 -8.17
CA SER A 491 27.06 -13.07 -7.69
C SER A 491 25.77 -12.40 -8.15
N ARG A 492 25.55 -11.20 -7.63
CA ARG A 492 24.62 -10.26 -8.22
C ARG A 492 25.22 -9.75 -9.54
N ARG A 493 24.36 -9.30 -10.44
CA ARG A 493 24.91 -8.81 -11.69
C ARG A 493 25.90 -7.68 -11.46
N SER A 494 25.58 -6.77 -10.53
CA SER A 494 26.36 -5.55 -10.34
C SER A 494 27.79 -5.86 -9.93
N GLU A 495 28.03 -7.02 -9.33
CA GLU A 495 29.37 -7.47 -8.97
C GLU A 495 30.15 -8.15 -10.11
N CYS A 496 29.50 -8.49 -11.23
CA CYS A 496 30.15 -9.21 -12.33
C CYS A 496 30.86 -8.21 -13.25
N SER A 497 31.91 -7.60 -12.72
CA SER A 497 32.58 -6.39 -13.25
C SER A 497 31.67 -5.41 -14.02
N GLN A 504 29.35 -11.02 -18.85
CA GLN A 504 28.75 -12.33 -19.08
C GLN A 504 28.35 -13.02 -17.79
N TRP A 505 27.04 -13.08 -17.56
CA TRP A 505 26.46 -13.44 -16.26
C TRP A 505 25.22 -14.30 -16.50
N LEU A 506 25.23 -15.53 -15.96
CA LEU A 506 24.15 -16.49 -16.22
C LEU A 506 23.10 -16.39 -15.11
N TRP A 507 22.02 -15.69 -15.40
CA TRP A 507 20.95 -15.48 -14.43
C TRP A 507 20.35 -16.80 -13.96
N SER A 508 20.50 -17.10 -12.66
CA SER A 508 19.97 -18.34 -12.11
C SER A 508 18.47 -18.45 -12.30
N PHE A 509 17.78 -17.32 -12.36
CA PHE A 509 16.33 -17.35 -12.51
C PHE A 509 15.94 -17.76 -13.93
N GLN A 510 16.71 -17.31 -14.93
CA GLN A 510 16.46 -17.66 -16.34
C GLN A 510 17.77 -17.56 -17.12
N PRO A 511 18.59 -18.63 -17.09
CA PRO A 511 19.98 -18.53 -17.56
C PRO A 511 20.08 -18.54 -19.07
N GLU A 512 20.82 -17.56 -19.59
CA GLU A 512 21.09 -17.43 -21.03
C GLU A 512 21.80 -18.67 -21.56
N LEU A 513 22.60 -19.31 -20.71
CA LEU A 513 23.47 -20.39 -21.12
C LEU A 513 23.58 -21.36 -19.95
N GLY A 514 24.29 -22.46 -20.19
CA GLY A 514 24.63 -23.40 -19.15
C GLY A 514 26.10 -23.32 -18.77
N CYS A 515 26.46 -24.17 -17.83
CA CYS A 515 27.83 -24.26 -17.34
C CYS A 515 28.76 -25.05 -18.27
N LEU A 516 28.23 -25.77 -19.26
CA LEU A 516 29.08 -26.42 -20.27
C LEU A 516 28.74 -25.88 -21.68
N CYS B 4 -12.56 -15.20 -20.43
CA CYS B 4 -13.49 -14.41 -19.62
C CYS B 4 -14.73 -14.11 -20.44
N PRO B 5 -15.71 -15.05 -20.46
CA PRO B 5 -16.89 -14.93 -21.34
C PRO B 5 -17.52 -13.55 -21.46
N SER B 6 -17.80 -12.94 -20.28
CA SER B 6 -18.47 -11.64 -20.17
C SER B 6 -17.64 -10.51 -20.77
N PHE B 7 -16.32 -10.69 -20.88
CA PHE B 7 -15.49 -9.76 -21.66
C PHE B 7 -15.58 -10.02 -23.16
N GLN B 8 -15.76 -11.27 -23.56
CA GLN B 8 -15.72 -11.56 -24.99
C GLN B 8 -17.05 -11.21 -25.68
N ARG B 9 -18.16 -11.23 -24.96
CA ARG B 9 -19.38 -10.69 -25.54
C ARG B 9 -19.43 -9.18 -25.47
N VAL B 10 -18.56 -8.57 -24.65
CA VAL B 10 -18.23 -7.17 -24.85
C VAL B 10 -17.59 -7.00 -26.22
N ILE B 11 -16.81 -8.00 -26.65
CA ILE B 11 -16.11 -7.95 -27.92
C ILE B 11 -17.02 -8.41 -29.06
N GLU B 12 -17.84 -9.43 -28.82
CA GLU B 12 -18.82 -9.86 -29.81
C GLU B 12 -19.76 -8.71 -30.16
N THR B 13 -20.26 -8.01 -29.14
CA THR B 13 -21.23 -6.93 -29.36
C THR B 13 -20.57 -5.67 -29.91
N LEU B 14 -19.31 -5.41 -29.59
CA LEU B 14 -18.63 -4.28 -30.22
C LEU B 14 -18.59 -4.45 -31.74
N LEU B 15 -18.30 -5.66 -32.22
CA LEU B 15 -17.96 -5.86 -33.62
C LEU B 15 -19.13 -6.31 -34.50
N MET B 16 -20.15 -6.95 -33.94
CA MET B 16 -21.31 -7.29 -34.76
C MET B 16 -22.52 -7.41 -33.84
N ASP B 17 -22.98 -6.27 -33.36
CA ASP B 17 -24.22 -6.18 -32.60
C ASP B 17 -24.56 -4.70 -32.38
N THR B 18 -25.71 -4.46 -31.78
CA THR B 18 -26.25 -3.12 -31.68
C THR B 18 -25.52 -2.31 -30.62
N PRO B 19 -25.53 -0.98 -30.74
CA PRO B 19 -24.96 -0.15 -29.66
C PRO B 19 -25.62 -0.39 -28.31
N SER B 20 -26.90 -0.75 -28.28
CA SER B 20 -27.53 -1.11 -27.02
C SER B 20 -26.85 -2.33 -26.40
N SER B 21 -26.73 -3.41 -27.17
CA SER B 21 -26.08 -4.64 -26.68
C SER B 21 -24.61 -4.41 -26.33
N TYR B 22 -23.94 -3.52 -27.06
CA TYR B 22 -22.57 -3.16 -26.72
C TYR B 22 -22.52 -2.35 -25.42
N GLU B 23 -23.33 -1.28 -25.33
CA GLU B 23 -23.37 -0.47 -24.12
C GLU B 23 -23.74 -1.31 -22.90
N ALA B 24 -24.64 -2.28 -23.08
CA ALA B 24 -25.01 -3.17 -21.97
C ALA B 24 -23.91 -4.18 -21.64
N ALA B 25 -23.19 -4.67 -22.64
CA ALA B 25 -22.05 -5.55 -22.37
C ALA B 25 -20.96 -4.78 -21.63
N MET B 26 -20.78 -3.50 -21.97
CA MET B 26 -19.82 -2.66 -21.28
C MET B 26 -20.30 -2.30 -19.87
N GLU B 27 -21.58 -1.94 -19.74
CA GLU B 27 -22.10 -1.43 -18.47
C GLU B 27 -21.88 -2.42 -17.31
N LEU B 28 -21.92 -3.72 -17.59
CA LEU B 28 -21.79 -4.71 -16.52
C LEU B 28 -20.46 -4.61 -15.79
N PHE B 29 -19.45 -4.05 -16.41
CA PHE B 29 -18.15 -3.87 -15.78
C PHE B 29 -18.09 -2.61 -14.93
N SER B 30 -19.23 -1.98 -14.67
CA SER B 30 -19.30 -0.73 -13.93
C SER B 30 -18.31 0.31 -14.44
N PRO B 31 -18.39 0.70 -15.71
CA PRO B 31 -17.41 1.65 -16.25
C PRO B 31 -17.60 3.04 -15.69
N ASP B 32 -16.52 3.81 -15.75
CA ASP B 32 -16.49 5.26 -15.54
C ASP B 32 -17.38 5.96 -16.59
N GLN B 33 -17.46 7.30 -16.56
CA GLN B 33 -18.10 8.04 -17.65
C GLN B 33 -17.13 8.39 -18.77
N ASP B 34 -15.86 8.66 -18.43
CA ASP B 34 -14.80 8.79 -19.44
C ASP B 34 -14.73 7.54 -20.31
N MET B 35 -14.88 6.36 -19.70
CA MET B 35 -14.92 5.10 -20.44
C MET B 35 -16.18 4.92 -21.27
N ARG B 36 -17.28 5.60 -20.91
CA ARG B 36 -18.51 5.39 -21.67
C ARG B 36 -18.51 6.20 -22.96
N GLU B 37 -18.15 7.49 -22.88
CA GLU B 37 -18.07 8.31 -24.08
C GLU B 37 -17.02 7.77 -25.06
N ALA B 38 -15.88 7.32 -24.53
CA ALA B 38 -14.84 6.76 -25.39
C ALA B 38 -15.24 5.40 -25.94
N GLY B 39 -15.99 4.61 -25.15
CA GLY B 39 -16.55 3.37 -25.66
C GLY B 39 -17.60 3.62 -26.75
N ALA B 40 -18.30 4.76 -26.66
CA ALA B 40 -19.28 5.12 -27.68
C ALA B 40 -18.60 5.60 -28.96
N GLN B 41 -17.58 6.43 -28.82
CA GLN B 41 -16.85 6.92 -29.98
C GLN B 41 -16.22 5.76 -30.76
N LEU B 42 -15.65 4.78 -30.05
CA LEU B 42 -15.09 3.62 -30.73
C LEU B 42 -16.17 2.82 -31.45
N LYS B 43 -17.33 2.62 -30.81
CA LYS B 43 -18.41 1.82 -31.41
C LYS B 43 -18.90 2.44 -32.72
N LYS B 44 -18.98 3.77 -32.78
CA LYS B 44 -19.38 4.40 -34.04
C LYS B 44 -18.35 4.16 -35.16
N LEU B 45 -17.06 4.09 -34.81
CA LEU B 45 -16.05 3.79 -35.81
C LEU B 45 -16.08 2.32 -36.20
N VAL B 46 -16.29 1.43 -35.23
CA VAL B 46 -16.43 0.01 -35.53
C VAL B 46 -17.68 -0.23 -36.37
N ASP B 47 -18.66 0.68 -36.29
CA ASP B 47 -19.85 0.55 -37.11
C ASP B 47 -19.55 0.77 -38.59
N THR B 48 -18.76 1.80 -38.92
CA THR B 48 -18.42 2.07 -40.31
C THR B 48 -17.67 0.92 -40.98
N LEU B 49 -17.22 -0.08 -40.25
CA LEU B 49 -16.45 -1.14 -40.91
C LEU B 49 -17.38 -2.14 -41.59
N PRO B 50 -17.11 -2.52 -42.83
CA PRO B 50 -17.91 -3.58 -43.48
C PRO B 50 -17.80 -4.89 -42.71
N GLN B 51 -18.76 -5.77 -42.97
CA GLN B 51 -18.96 -6.92 -42.10
C GLN B 51 -17.75 -7.85 -42.07
N LYS B 52 -17.18 -8.16 -43.23
CA LYS B 52 -16.13 -9.19 -43.24
C LYS B 52 -14.89 -8.70 -42.48
N PRO B 53 -14.48 -7.42 -42.59
CA PRO B 53 -13.45 -6.92 -41.68
C PRO B 53 -13.74 -7.21 -40.21
N ARG B 54 -14.96 -6.92 -39.75
CA ARG B 54 -15.30 -7.18 -38.36
C ARG B 54 -15.28 -8.67 -38.05
N GLU B 55 -15.84 -9.49 -38.94
CA GLU B 55 -15.83 -10.93 -38.71
C GLU B 55 -14.39 -11.45 -38.59
N SER B 56 -13.51 -10.99 -39.48
CA SER B 56 -12.09 -11.34 -39.37
C SER B 56 -11.47 -10.75 -38.12
N ILE B 57 -11.91 -9.55 -37.69
CA ILE B 57 -11.41 -8.97 -36.45
C ILE B 57 -11.78 -9.83 -35.26
N ILE B 58 -13.04 -10.29 -35.22
CA ILE B 58 -13.49 -11.11 -34.10
C ILE B 58 -12.62 -12.36 -33.98
N LYS B 59 -12.28 -12.99 -35.10
CA LYS B 59 -11.44 -14.19 -35.01
C LYS B 59 -10.06 -13.84 -34.48
N LEU B 60 -9.47 -12.74 -34.95
CA LEU B 60 -8.23 -12.23 -34.34
C LEU B 60 -8.44 -11.93 -32.86
N MET B 61 -9.44 -11.10 -32.54
CA MET B 61 -9.66 -10.68 -31.16
C MET B 61 -9.81 -11.86 -30.23
N GLU B 62 -10.56 -12.89 -30.66
CA GLU B 62 -10.78 -14.06 -29.82
C GLU B 62 -9.66 -15.10 -29.95
N LYS B 63 -8.88 -15.09 -31.04
CA LYS B 63 -7.68 -15.93 -31.08
C LYS B 63 -6.66 -15.44 -30.06
N ILE B 64 -6.51 -14.12 -29.92
CA ILE B 64 -5.71 -13.57 -28.82
C ILE B 64 -6.16 -14.18 -27.51
N ALA B 65 -7.45 -14.06 -27.20
CA ALA B 65 -8.04 -14.61 -25.99
C ALA B 65 -7.80 -16.12 -25.89
N GLY B 71 -2.62 -15.04 -21.08
CA GLY B 71 -3.44 -15.20 -19.89
C GLY B 71 -3.23 -14.21 -18.72
N TRP B 72 -4.31 -13.92 -17.97
CA TRP B 72 -4.33 -12.80 -17.04
C TRP B 72 -3.88 -13.19 -15.65
N ARG B 73 -2.88 -12.48 -15.14
CA ARG B 73 -2.29 -12.59 -13.82
C ARG B 73 -1.54 -11.29 -13.55
N PRO B 74 -1.67 -10.67 -12.38
CA PRO B 74 -1.01 -9.39 -12.16
C PRO B 74 0.49 -9.60 -11.98
N TYR B 75 1.27 -8.70 -12.57
CA TYR B 75 2.72 -8.69 -12.35
C TYR B 75 3.18 -7.25 -12.31
N ILE B 76 4.45 -7.05 -11.98
CA ILE B 76 5.06 -5.73 -11.98
C ILE B 76 6.10 -5.69 -13.09
N GLU B 77 5.93 -4.75 -14.01
CA GLU B 77 6.76 -4.62 -15.19
C GLU B 77 8.20 -4.24 -14.79
N ARG B 78 9.17 -4.82 -15.47
CA ARG B 78 10.57 -4.57 -15.14
C ARG B 78 10.94 -3.15 -15.50
N TRP B 79 11.82 -2.57 -14.68
CA TRP B 79 12.34 -1.20 -14.77
C TRP B 79 11.30 -0.15 -14.39
N THR B 80 10.05 -0.34 -14.81
CA THR B 80 9.07 0.73 -14.68
C THR B 80 8.31 0.70 -13.37
N GLY B 81 8.27 -0.46 -12.70
CA GLY B 81 7.49 -0.60 -11.48
C GLY B 81 6.01 -0.63 -11.71
N ARG B 82 5.59 -0.71 -12.96
CA ARG B 82 4.19 -0.66 -13.35
C ARG B 82 3.41 -1.93 -12.97
N LEU B 83 2.15 -1.76 -12.55
CA LEU B 83 1.24 -2.89 -12.38
C LEU B 83 0.51 -3.15 -13.69
N ILE B 84 0.67 -4.37 -14.21
CA ILE B 84 -0.11 -4.87 -15.33
C ILE B 84 -0.89 -6.08 -14.86
N VAL B 85 -2.20 -6.11 -15.13
CA VAL B 85 -3.02 -7.30 -14.89
C VAL B 85 -3.39 -7.85 -16.26
N GLY B 86 -2.65 -8.83 -16.69
CA GLY B 86 -2.80 -9.37 -18.01
C GLY B 86 -1.53 -10.10 -18.38
N SER B 87 -1.23 -10.08 -19.65
CA SER B 87 -0.03 -10.73 -20.10
C SER B 87 0.78 -9.69 -20.82
N PRO B 88 2.09 -9.84 -20.91
CA PRO B 88 2.86 -8.85 -21.67
C PRO B 88 2.36 -8.73 -23.10
N SER B 89 2.08 -9.87 -23.74
CA SER B 89 1.59 -9.87 -25.11
C SER B 89 0.28 -9.10 -25.21
N PHE B 90 -0.63 -9.32 -24.28
CA PHE B 90 -1.91 -8.64 -24.37
C PHE B 90 -1.73 -7.15 -24.16
N GLN B 91 -0.87 -6.79 -23.19
CA GLN B 91 -0.59 -5.39 -22.91
C GLN B 91 -0.02 -4.71 -24.14
N ARG B 92 0.84 -5.43 -24.88
CA ARG B 92 1.45 -4.91 -26.09
C ARG B 92 0.40 -4.64 -27.16
N VAL B 93 -0.48 -5.62 -27.40
CA VAL B 93 -1.60 -5.39 -28.32
C VAL B 93 -2.38 -4.16 -27.88
N ILE B 94 -2.68 -4.05 -26.58
CA ILE B 94 -3.45 -2.90 -26.06
C ILE B 94 -2.77 -1.58 -26.39
N GLU B 95 -1.50 -1.46 -26.03
CA GLU B 95 -0.92 -0.13 -26.12
C GLU B 95 -0.55 0.22 -27.55
N THR B 96 -0.15 -0.76 -28.37
CA THR B 96 0.21 -0.40 -29.73
C THR B 96 -1.04 0.00 -30.53
N LEU B 97 -2.16 -0.71 -30.32
CA LEU B 97 -3.41 -0.31 -30.95
C LEU B 97 -3.81 1.11 -30.54
N LEU B 98 -3.78 1.44 -29.25
CA LEU B 98 -4.37 2.70 -28.80
C LEU B 98 -3.38 3.84 -28.63
N MET B 99 -2.09 3.57 -28.54
CA MET B 99 -1.16 4.65 -28.22
C MET B 99 0.15 4.60 -28.99
N ASP B 100 0.33 3.70 -29.96
CA ASP B 100 1.61 3.71 -30.67
C ASP B 100 1.43 3.67 -32.19
N THR B 101 2.51 3.44 -32.92
CA THR B 101 2.43 3.57 -34.37
C THR B 101 1.71 2.38 -34.99
N PRO B 102 1.17 2.58 -36.20
CA PRO B 102 0.62 1.43 -36.95
C PRO B 102 1.61 0.28 -37.13
N SER B 103 2.88 0.58 -37.39
CA SER B 103 3.85 -0.51 -37.57
C SER B 103 3.99 -1.34 -36.31
N SER B 104 3.98 -0.69 -35.14
CA SER B 104 4.18 -1.43 -33.90
C SER B 104 2.94 -2.24 -33.55
N TYR B 105 1.75 -1.68 -33.81
CA TYR B 105 0.54 -2.49 -33.68
C TYR B 105 0.61 -3.73 -34.56
N GLU B 106 1.09 -3.55 -35.80
CA GLU B 106 1.22 -4.67 -36.71
C GLU B 106 2.06 -5.81 -36.12
N ALA B 107 3.27 -5.46 -35.64
CA ALA B 107 4.16 -6.48 -35.11
C ALA B 107 3.55 -7.18 -33.88
N ALA B 108 2.70 -6.48 -33.11
CA ALA B 108 2.05 -7.10 -31.96
C ALA B 108 1.00 -8.13 -32.39
N MET B 109 0.28 -7.85 -33.47
CA MET B 109 -0.57 -8.87 -34.07
C MET B 109 0.21 -10.10 -34.49
N GLU B 110 1.40 -9.93 -35.11
CA GLU B 110 2.16 -11.08 -35.59
C GLU B 110 2.54 -12.07 -34.49
N LEU B 111 2.40 -11.69 -33.21
CA LEU B 111 2.65 -12.64 -32.12
C LEU B 111 1.68 -13.81 -32.16
N PHE B 112 0.44 -13.55 -32.56
CA PHE B 112 -0.64 -14.53 -32.49
C PHE B 112 -0.85 -15.25 -33.82
N SER B 113 0.08 -15.12 -34.75
CA SER B 113 0.02 -15.77 -36.04
C SER B 113 -1.36 -15.60 -36.70
N PRO B 114 -1.68 -14.42 -37.19
CA PRO B 114 -2.91 -14.25 -37.98
C PRO B 114 -2.65 -14.55 -39.44
N ASP B 115 -3.74 -14.81 -40.16
CA ASP B 115 -3.66 -14.93 -41.61
C ASP B 115 -3.83 -13.54 -42.23
N GLN B 116 -3.62 -13.47 -43.54
CA GLN B 116 -3.71 -12.21 -44.27
C GLN B 116 -5.02 -11.46 -43.97
N ASP B 117 -6.10 -12.20 -43.69
CA ASP B 117 -7.39 -11.56 -43.47
C ASP B 117 -7.40 -10.76 -42.17
N MET B 118 -6.95 -11.38 -41.07
CA MET B 118 -6.91 -10.67 -39.78
C MET B 118 -5.95 -9.50 -39.84
N ARG B 119 -4.81 -9.68 -40.54
CA ARG B 119 -3.86 -8.60 -40.75
C ARG B 119 -4.55 -7.35 -41.31
N GLU B 120 -5.11 -7.48 -42.53
CA GLU B 120 -5.69 -6.33 -43.21
C GLU B 120 -6.88 -5.78 -42.43
N ALA B 121 -7.62 -6.65 -41.75
CA ALA B 121 -8.71 -6.22 -40.87
C ALA B 121 -8.18 -5.35 -39.71
N GLY B 122 -7.26 -5.90 -38.91
CA GLY B 122 -6.69 -5.13 -37.81
C GLY B 122 -6.06 -3.81 -38.24
N ALA B 123 -5.49 -3.79 -39.44
CA ALA B 123 -4.88 -2.57 -39.96
C ALA B 123 -5.91 -1.48 -40.21
N GLN B 124 -7.12 -1.87 -40.60
CA GLN B 124 -8.21 -0.91 -40.75
C GLN B 124 -8.66 -0.36 -39.40
N LEU B 125 -8.82 -1.25 -38.42
CA LEU B 125 -9.14 -0.84 -37.05
C LEU B 125 -8.12 0.19 -36.55
N LYS B 126 -6.83 -0.12 -36.69
CA LYS B 126 -5.78 0.78 -36.22
C LYS B 126 -5.84 2.12 -36.95
N LYS B 127 -5.97 2.08 -38.28
CA LYS B 127 -6.22 3.31 -39.05
C LYS B 127 -7.38 4.10 -38.45
N LEU B 128 -8.47 3.41 -38.09
CA LEU B 128 -9.65 4.05 -37.54
C LEU B 128 -9.40 4.59 -36.13
N VAL B 129 -8.86 3.75 -35.24
CA VAL B 129 -8.66 4.15 -33.85
C VAL B 129 -7.82 5.42 -33.77
N ASP B 130 -6.88 5.59 -34.71
CA ASP B 130 -5.99 6.74 -34.73
C ASP B 130 -6.72 8.06 -35.00
N THR B 131 -7.98 8.02 -35.43
CA THR B 131 -8.75 9.24 -35.62
C THR B 131 -9.35 9.74 -34.31
N LEU B 132 -9.52 8.86 -33.31
CA LEU B 132 -9.95 9.29 -31.99
C LEU B 132 -8.97 10.32 -31.43
N PRO B 133 -9.42 11.15 -30.52
CA PRO B 133 -8.48 12.03 -29.81
C PRO B 133 -7.74 11.26 -28.73
N GLN B 134 -6.74 11.95 -28.15
CA GLN B 134 -5.81 11.32 -27.22
C GLN B 134 -6.53 10.75 -26.00
N LYS B 135 -7.31 11.56 -25.32
CA LYS B 135 -7.86 11.13 -24.04
C LYS B 135 -8.85 9.97 -24.14
N PRO B 136 -9.72 9.89 -25.16
CA PRO B 136 -10.61 8.71 -25.26
C PRO B 136 -9.85 7.40 -25.41
N ARG B 137 -8.83 7.37 -26.27
CA ARG B 137 -7.98 6.18 -26.38
C ARG B 137 -7.43 5.80 -25.01
N GLU B 138 -6.93 6.80 -24.26
CA GLU B 138 -6.40 6.56 -22.92
C GLU B 138 -7.48 5.98 -22.00
N SER B 139 -8.72 6.43 -22.18
CA SER B 139 -9.81 5.91 -21.36
C SER B 139 -10.11 4.46 -21.71
N ILE B 140 -10.11 4.14 -23.01
CA ILE B 140 -10.27 2.76 -23.45
C ILE B 140 -9.17 1.88 -22.86
N ILE B 141 -7.98 2.43 -22.67
CA ILE B 141 -6.94 1.63 -22.00
C ILE B 141 -7.33 1.39 -20.55
N LYS B 142 -7.59 2.47 -19.81
CA LYS B 142 -8.04 2.34 -18.41
C LYS B 142 -9.29 1.47 -18.30
N LEU B 143 -10.06 1.35 -19.38
CA LEU B 143 -11.23 0.47 -19.41
C LEU B 143 -10.83 -1.00 -19.51
N MET B 144 -9.84 -1.32 -20.33
CA MET B 144 -9.44 -2.72 -20.41
C MET B 144 -8.69 -3.14 -19.15
N GLU B 145 -7.92 -2.23 -18.54
CA GLU B 145 -7.32 -2.53 -17.25
C GLU B 145 -8.41 -2.79 -16.20
N LYS B 146 -9.52 -2.05 -16.28
CA LYS B 146 -10.66 -2.26 -15.38
C LYS B 146 -11.24 -3.65 -15.55
N ILE B 147 -11.35 -4.12 -16.80
CA ILE B 147 -11.94 -5.42 -17.10
C ILE B 147 -11.14 -6.57 -16.48
N ALA B 148 -9.81 -6.44 -16.43
CA ALA B 148 -8.97 -7.54 -16.00
C ALA B 148 -9.00 -7.73 -14.48
N GLN B 149 -9.24 -6.66 -13.72
CA GLN B 149 -9.27 -6.71 -12.26
C GLN B 149 -10.70 -6.81 -11.70
N SER B 150 -11.62 -7.40 -12.47
CA SER B 150 -13.05 -7.13 -12.29
C SER B 150 -13.78 -8.11 -11.37
N SER B 151 -13.17 -9.24 -11.00
CA SER B 151 -13.84 -10.33 -10.28
C SER B 151 -15.01 -10.83 -11.10
N LEU B 152 -14.80 -10.81 -12.37
CA LEU B 152 -15.60 -11.54 -13.31
C LEU B 152 -14.80 -12.67 -13.96
N CYS B 153 -13.54 -12.33 -14.31
CA CYS B 153 -12.68 -13.25 -15.05
C CYS B 153 -12.02 -14.30 -14.17
N ASN B 154 -12.02 -14.08 -12.84
CA ASN B 154 -11.21 -14.86 -11.93
C ASN B 154 -11.96 -16.09 -11.39
C1 PGE C . 3.09 -20.59 -1.83
O1 PGE C . 2.53 -21.58 -2.69
C2 PGE C . 3.84 -21.25 -0.69
O2 PGE C . 3.62 -20.54 0.54
C3 PGE C . 4.81 -20.10 1.20
C4 PGE C . 5.76 -21.24 1.53
O4 PGE C . 4.47 -22.81 4.96
C6 PGE C . 5.16 -23.76 4.14
C5 PGE C . 5.93 -23.08 3.01
O3 PGE C . 5.10 -22.09 2.43
C1 NAG D . -7.07 14.49 -7.91
C2 NAG D . -6.07 14.40 -9.08
C3 NAG D . -4.94 15.40 -8.90
C4 NAG D . -5.48 16.79 -8.62
C5 NAG D . -6.46 16.73 -7.45
C6 NAG D . -7.07 18.07 -7.09
C7 NAG D . -6.05 12.13 -9.99
C8 NAG D . -5.33 10.82 -10.05
N2 NAG D . -5.51 13.06 -9.22
O3 NAG D . -4.14 15.40 -10.07
O4 NAG D . -4.41 17.65 -8.24
O5 NAG D . -7.52 15.83 -7.78
O6 NAG D . -8.39 18.22 -7.58
O7 NAG D . -7.10 12.32 -10.62
#